data_3CZQ
#
_entry.id   3CZQ
#
_cell.length_a   59.609
_cell.length_b   71.672
_cell.length_c   89.471
_cell.angle_alpha   75.86
_cell.angle_beta   85.97
_cell.angle_gamma   65.39
#
_symmetry.space_group_name_H-M   'P 1'
#
loop_
_entity.id
_entity.type
_entity.pdbx_description
1 polymer 'Putative polyphosphate kinase 2'
2 non-polymer GLYCEROL
3 non-polymer 'FORMIC ACID'
4 water water
#
_entity_poly.entity_id   1
_entity_poly.type   'polypeptide(L)'
_entity_poly.pdbx_seq_one_letter_code
;GHMALDEAPAEARPGSRAVELEIDGRSRIFDIDDPDLPKWIDEEAFRSDDYPYKKKLDREEYEETLTKLQIELVKVQFW
(MSE)QATGKRV(MSE)AVFEGRDAAGKGGAIHATTAN(MSE)NPRSARVVALTKPTETERGQWYFQRYVATFPTAGEFV
LFDRSWYNRAGVEPV(MSE)GFCTPDQYEQFLKEAPRFEE(MSE)IANEGIHLFKFWINIGRE(MSE)QLKRFHDRRHDP
LKIWKLSP(MSE)DIAALSKWDDYTGKRDR(MSE)LKETHTEHGPWAVIRGNDKRRSRINVIRH(MSE)LTKLDYDGKDE
AAIGEVDEKILGSGPGFLRGS
;
_entity_poly.pdbx_strand_id   A,B,C,D
#
loop_
_chem_comp.id
_chem_comp.type
_chem_comp.name
_chem_comp.formula
FMT non-polymer 'FORMIC ACID' 'C H2 O2'
GOL non-polymer GLYCEROL 'C3 H8 O3'
#
# COMPACT_ATOMS: atom_id res chain seq x y z
N PRO A 14 -7.28 -0.54 45.10
CA PRO A 14 -8.50 0.26 45.16
C PRO A 14 -9.76 -0.35 45.81
N GLY A 15 -10.42 -1.28 45.11
CA GLY A 15 -11.83 -1.57 45.33
C GLY A 15 -12.66 -0.64 44.43
N SER A 16 -11.95 0.16 43.64
CA SER A 16 -12.51 1.17 42.73
C SER A 16 -12.94 0.55 41.41
N ARG A 17 -12.17 -0.44 40.95
CA ARG A 17 -12.54 -1.23 39.78
C ARG A 17 -12.92 -2.69 40.11
N ALA A 18 -13.09 -2.98 41.39
CA ALA A 18 -13.56 -4.30 41.87
C ALA A 18 -14.86 -4.75 41.24
N VAL A 19 -14.96 -6.06 40.95
CA VAL A 19 -16.08 -6.59 40.20
C VAL A 19 -16.52 -7.96 40.72
N GLU A 20 -17.83 -8.20 40.71
CA GLU A 20 -18.38 -9.51 41.03
C GLU A 20 -18.45 -10.40 39.79
N LEU A 21 -18.07 -11.66 39.99
CA LEU A 21 -17.98 -12.66 38.93
C LEU A 21 -18.60 -13.96 39.39
N GLU A 22 -19.18 -14.72 38.46
CA GLU A 22 -19.66 -16.07 38.77
C GLU A 22 -18.60 -17.02 38.28
N ILE A 23 -17.91 -17.66 39.21
CA ILE A 23 -16.84 -18.57 38.84
C ILE A 23 -17.38 -19.98 38.98
N ASP A 24 -17.88 -20.51 37.87
CA ASP A 24 -18.50 -21.83 37.75
C ASP A 24 -19.68 -22.00 38.70
N GLY A 25 -20.65 -21.10 38.59
CA GLY A 25 -21.86 -21.13 39.41
C GLY A 25 -21.60 -20.74 40.86
N ARG A 26 -20.50 -20.05 41.08
CA ARG A 26 -20.10 -19.57 42.39
C ARG A 26 -19.68 -18.09 42.31
N SER A 27 -20.30 -17.28 43.15
CA SER A 27 -20.07 -15.84 43.16
C SER A 27 -18.77 -15.47 43.84
N ARG A 28 -18.06 -14.50 43.26
CA ARG A 28 -16.74 -14.04 43.75
C ARG A 28 -16.49 -12.60 43.41
N ILE A 29 -15.71 -11.90 44.24
CA ILE A 29 -15.27 -10.56 43.88
C ILE A 29 -13.77 -10.56 43.54
N PHE A 30 -13.43 -9.98 42.39
CA PHE A 30 -12.05 -9.87 41.96
C PHE A 30 -11.69 -8.39 41.90
N ASP A 31 -10.68 -8.04 42.69
CA ASP A 31 -10.13 -6.68 42.72
C ASP A 31 -8.69 -6.77 42.19
N ILE A 32 -8.54 -6.32 40.94
CA ILE A 32 -7.32 -6.36 40.16
C ILE A 32 -6.25 -5.41 40.67
N ASP A 33 -6.67 -4.33 41.31
CA ASP A 33 -5.74 -3.35 41.89
C ASP A 33 -5.21 -3.78 43.23
N ASP A 34 -5.86 -4.76 43.83
CA ASP A 34 -5.35 -5.30 45.06
C ASP A 34 -4.16 -6.22 44.74
N PRO A 35 -2.97 -5.89 45.26
CA PRO A 35 -1.75 -6.65 44.93
C PRO A 35 -1.74 -8.05 45.53
N ASP A 36 -2.66 -8.36 46.43
CA ASP A 36 -2.78 -9.71 47.00
C ASP A 36 -3.73 -10.52 46.15
N LEU A 37 -3.27 -11.68 45.72
CA LEU A 37 -4.09 -12.53 44.87
C LEU A 37 -4.84 -13.54 45.75
N PRO A 38 -6.18 -13.52 45.72
CA PRO A 38 -6.95 -14.46 46.53
C PRO A 38 -6.69 -15.92 46.17
N LYS A 39 -6.71 -16.75 47.20
CA LYS A 39 -6.34 -18.16 47.11
C LYS A 39 -7.23 -18.89 46.11
N TRP A 40 -8.49 -18.46 46.01
CA TRP A 40 -9.44 -19.08 45.07
C TRP A 40 -9.07 -18.90 43.60
N ILE A 41 -8.15 -17.98 43.32
CA ILE A 41 -7.53 -17.86 42.00
C ILE A 41 -6.16 -18.53 42.02
N ASP A 42 -5.29 -18.07 42.93
CA ASP A 42 -3.88 -18.38 42.95
C ASP A 42 -3.59 -19.88 43.01
N GLU A 43 -4.38 -20.60 43.81
CA GLU A 43 -4.23 -22.04 43.99
C GLU A 43 -5.04 -22.89 43.01
N GLU A 44 -5.97 -22.25 42.31
CA GLU A 44 -6.86 -22.97 41.41
C GLU A 44 -6.53 -22.74 39.92
N ALA A 45 -5.66 -21.74 39.66
CA ALA A 45 -5.34 -21.28 38.29
C ALA A 45 -4.82 -22.39 37.42
N PHE A 46 -3.77 -23.06 37.89
CA PHE A 46 -3.04 -23.98 37.03
C PHE A 46 -3.91 -25.14 36.57
N ARG A 47 -4.72 -25.70 37.47
CA ARG A 47 -5.49 -26.91 37.16
C ARG A 47 -6.87 -26.59 36.64
N SER A 48 -7.19 -25.29 36.55
CA SER A 48 -8.53 -24.84 36.15
C SER A 48 -8.91 -25.40 34.80
N ASP A 49 -10.20 -25.64 34.61
CA ASP A 49 -10.72 -26.19 33.38
C ASP A 49 -10.11 -27.57 33.04
N ASP A 50 -10.01 -28.44 34.05
CA ASP A 50 -9.53 -29.80 33.82
C ASP A 50 -8.16 -29.83 33.12
N TYR A 51 -7.18 -29.10 33.64
CA TYR A 51 -5.82 -29.16 33.12
C TYR A 51 -5.17 -30.50 33.48
N PRO A 52 -4.64 -31.24 32.47
CA PRO A 52 -4.19 -32.63 32.68
C PRO A 52 -2.89 -32.85 33.48
N TYR A 53 -2.24 -31.78 33.93
CA TYR A 53 -0.96 -31.88 34.66
C TYR A 53 -1.01 -31.09 35.93
N LYS A 54 -0.26 -31.57 36.93
CA LYS A 54 -0.22 -30.94 38.25
C LYS A 54 0.81 -29.84 38.36
N LYS A 55 1.90 -29.97 37.59
CA LYS A 55 2.92 -28.94 37.59
C LYS A 55 3.32 -28.43 36.20
N LYS A 56 3.83 -27.21 36.20
CA LYS A 56 4.47 -26.56 35.07
C LYS A 56 5.68 -27.40 34.56
N LEU A 57 5.79 -27.48 33.25
CA LEU A 57 6.89 -28.13 32.60
C LEU A 57 8.15 -27.47 33.13
N ASP A 58 9.12 -28.31 33.50
CA ASP A 58 10.39 -27.85 33.98
C ASP A 58 11.01 -26.85 33.01
N ARG A 59 11.52 -25.75 33.60
CA ARG A 59 12.05 -24.61 32.87
C ARG A 59 13.20 -24.99 31.93
N GLU A 60 14.16 -25.76 32.42
CA GLU A 60 15.30 -26.11 31.67
C GLU A 60 14.99 -27.17 30.61
N GLU A 61 14.07 -28.08 30.91
CA GLU A 61 13.59 -29.04 29.92
C GLU A 61 12.89 -28.28 28.80
N TYR A 62 11.97 -27.37 29.17
CA TYR A 62 11.32 -26.53 28.16
C TYR A 62 12.28 -25.84 27.18
N GLU A 63 13.32 -25.18 27.71
CA GLU A 63 14.29 -24.45 26.91
C GLU A 63 15.05 -25.37 26.01
N GLU A 64 15.35 -26.57 26.51
CA GLU A 64 16.04 -27.59 25.72
C GLU A 64 15.17 -28.04 24.55
N THR A 65 13.94 -28.46 24.82
CA THR A 65 12.99 -28.85 23.76
C THR A 65 12.77 -27.69 22.77
N LEU A 66 12.54 -26.47 23.27
CA LEU A 66 12.32 -25.33 22.41
C LEU A 66 13.45 -25.12 21.40
N THR A 67 14.70 -25.18 21.88
CA THR A 67 15.88 -25.03 21.03
C THR A 67 15.91 -26.05 19.87
N LYS A 68 15.77 -27.32 20.19
CA LYS A 68 15.59 -28.35 19.17
C LYS A 68 14.51 -28.01 18.12
N LEU A 69 13.40 -27.45 18.59
CA LEU A 69 12.27 -27.20 17.73
C LEU A 69 12.55 -26.06 16.77
N GLN A 70 13.25 -25.06 17.28
CA GLN A 70 13.65 -23.90 16.54
C GLN A 70 14.70 -24.17 15.48
N ILE A 71 15.63 -25.08 15.78
CA ILE A 71 16.56 -25.60 14.78
C ILE A 71 15.77 -26.23 13.61
N GLU A 72 14.80 -27.10 13.89
CA GLU A 72 13.87 -27.59 12.88
C GLU A 72 13.20 -26.47 12.09
N LEU A 73 12.79 -25.39 12.77
CA LEU A 73 12.17 -24.22 12.10
C LEU A 73 13.13 -23.53 11.13
N VAL A 74 14.44 -23.66 11.42
CA VAL A 74 15.48 -23.10 10.53
C VAL A 74 15.51 -23.96 9.26
N LYS A 75 15.41 -25.27 9.44
CA LYS A 75 15.18 -26.19 8.31
C LYS A 75 13.88 -25.90 7.50
N VAL A 76 12.81 -25.54 8.17
CA VAL A 76 11.55 -25.19 7.49
C VAL A 76 11.73 -23.97 6.59
N GLN A 77 12.43 -22.98 7.12
CA GLN A 77 12.62 -21.70 6.46
C GLN A 77 13.42 -21.86 5.19
N PHE A 78 14.46 -22.70 5.27
CA PHE A 78 15.35 -23.00 4.15
C PHE A 78 14.60 -23.78 3.05
N TRP A 79 13.82 -24.76 3.47
CA TRP A 79 12.98 -25.56 2.59
C TRP A 79 11.92 -24.67 1.90
N MSE A 80 11.32 -23.75 2.67
CA MSE A 80 10.34 -22.80 2.12
C MSE A 80 10.95 -21.87 1.05
O MSE A 80 10.28 -21.53 0.09
CB MSE A 80 9.74 -21.96 3.25
CG MSE A 80 8.85 -22.76 4.19
SE MSE A 80 8.02 -21.73 5.61
CE MSE A 80 6.83 -20.65 4.51
N GLN A 81 12.19 -21.41 1.26
CA GLN A 81 12.84 -20.52 0.30
C GLN A 81 13.18 -21.31 -0.97
N ALA A 82 13.72 -22.51 -0.79
CA ALA A 82 14.10 -23.37 -1.91
C ALA A 82 12.90 -23.75 -2.79
N THR A 83 11.76 -23.92 -2.16
CA THR A 83 10.55 -24.38 -2.85
C THR A 83 9.47 -23.31 -3.11
N GLY A 84 9.66 -22.09 -2.60
CA GLY A 84 8.62 -21.05 -2.70
C GLY A 84 7.42 -21.28 -1.77
N LYS A 85 7.40 -22.43 -1.11
CA LYS A 85 6.33 -22.78 -0.15
C LYS A 85 5.94 -21.64 0.79
N ARG A 86 4.64 -21.46 0.95
CA ARG A 86 4.05 -20.39 1.79
C ARG A 86 3.22 -21.00 2.90
N VAL A 87 3.38 -20.46 4.11
CA VAL A 87 2.60 -20.81 5.28
C VAL A 87 1.94 -19.61 5.94
N MSE A 88 0.73 -19.81 6.46
CA MSE A 88 0.03 -18.85 7.30
C MSE A 88 -0.40 -19.50 8.59
O MSE A 88 -0.92 -20.60 8.58
CB MSE A 88 -1.20 -18.25 6.59
CG MSE A 88 -0.85 -17.22 5.54
SE MSE A 88 -2.47 -16.67 4.60
CE MSE A 88 -3.16 -15.51 5.90
N ALA A 89 -0.18 -18.81 9.70
CA ALA A 89 -0.56 -19.28 11.04
C ALA A 89 -1.36 -18.25 11.78
N VAL A 90 -2.58 -18.64 12.13
CA VAL A 90 -3.54 -17.82 12.85
C VAL A 90 -3.60 -18.26 14.31
N PHE A 91 -3.66 -17.30 15.20
CA PHE A 91 -3.63 -17.57 16.65
C PHE A 91 -4.78 -16.84 17.27
N GLU A 92 -5.75 -17.57 17.80
CA GLU A 92 -6.86 -16.97 18.49
C GLU A 92 -6.97 -17.58 19.90
N GLY A 93 -7.78 -16.96 20.75
CA GLY A 93 -8.01 -17.47 22.07
C GLY A 93 -8.59 -16.36 22.89
N ARG A 94 -8.79 -16.61 24.17
CA ARG A 94 -9.28 -15.56 25.06
C ARG A 94 -8.15 -14.60 25.42
N ASP A 95 -8.50 -13.42 25.91
CA ASP A 95 -7.53 -12.49 26.42
C ASP A 95 -6.55 -13.14 27.40
N ALA A 96 -5.25 -12.89 27.17
CA ALA A 96 -4.14 -13.40 27.99
C ALA A 96 -3.95 -14.90 27.85
N ALA A 97 -4.54 -15.51 26.82
CA ALA A 97 -4.39 -16.95 26.59
C ALA A 97 -2.97 -17.36 26.18
N GLY A 98 -2.20 -16.42 25.63
CA GLY A 98 -0.80 -16.67 25.24
C GLY A 98 -0.56 -16.76 23.73
N LYS A 99 -1.32 -16.02 22.94
CA LYS A 99 -1.12 -15.96 21.48
C LYS A 99 0.23 -15.40 21.09
N GLY A 100 0.60 -14.28 21.72
CA GLY A 100 1.86 -13.55 21.44
C GLY A 100 3.11 -14.31 21.81
N GLY A 101 3.10 -14.97 22.97
CA GLY A 101 4.24 -15.85 23.31
C GLY A 101 4.40 -17.04 22.39
N ALA A 102 3.31 -17.63 21.93
CA ALA A 102 3.35 -18.69 20.92
C ALA A 102 3.98 -18.29 19.59
N ILE A 103 3.60 -17.11 19.09
CA ILE A 103 4.19 -16.49 17.94
C ILE A 103 5.63 -16.15 18.18
N HIS A 104 5.91 -15.49 19.31
CA HIS A 104 7.31 -15.12 19.60
C HIS A 104 8.25 -16.34 19.73
N ALA A 105 7.75 -17.42 20.34
CA ALA A 105 8.48 -18.68 20.42
C ALA A 105 8.76 -19.29 19.03
N THR A 106 7.88 -18.98 18.07
CA THR A 106 8.02 -19.50 16.70
C THR A 106 9.07 -18.71 15.92
N THR A 107 9.00 -17.39 16.03
CA THR A 107 9.82 -16.49 15.24
C THR A 107 11.06 -15.97 15.91
N ALA A 108 11.28 -16.30 17.20
CA ALA A 108 12.47 -15.81 17.94
C ALA A 108 13.79 -15.98 17.18
N ASN A 109 13.92 -17.11 16.49
CA ASN A 109 15.18 -17.43 15.80
C ASN A 109 14.98 -17.70 14.34
N MSE A 110 13.93 -17.09 13.80
CA MSE A 110 13.66 -17.12 12.37
C MSE A 110 14.15 -15.84 11.69
O MSE A 110 14.35 -14.80 12.35
CB MSE A 110 12.18 -17.39 12.11
CG MSE A 110 11.82 -18.88 12.32
SE MSE A 110 9.94 -19.33 12.02
CE MSE A 110 10.11 -20.10 10.27
N ASN A 111 14.36 -15.89 10.38
CA ASN A 111 14.69 -14.73 9.61
C ASN A 111 13.44 -13.84 9.43
N PRO A 112 13.48 -12.61 9.99
CA PRO A 112 12.35 -11.66 10.01
C PRO A 112 11.94 -11.13 8.63
N ARG A 113 12.76 -11.38 7.62
CA ARG A 113 12.45 -10.96 6.25
C ARG A 113 11.74 -12.05 5.47
N SER A 114 11.44 -13.14 6.17
CA SER A 114 10.70 -14.21 5.52
C SER A 114 9.60 -14.74 6.43
N ALA A 115 9.69 -14.43 7.72
CA ALA A 115 8.66 -14.79 8.70
C ALA A 115 8.28 -13.46 9.30
N ARG A 116 7.07 -13.04 9.02
CA ARG A 116 6.60 -11.78 9.54
C ARG A 116 5.26 -11.95 10.22
N VAL A 117 5.04 -11.03 11.15
CA VAL A 117 3.93 -11.03 12.04
C VAL A 117 3.01 -9.94 11.56
N VAL A 118 1.74 -10.28 11.38
CA VAL A 118 0.74 -9.32 10.94
C VAL A 118 -0.10 -8.99 12.18
N ALA A 119 -0.11 -7.70 12.47
CA ALA A 119 -0.83 -7.16 13.63
C ALA A 119 -1.62 -5.93 13.20
N LEU A 120 -2.83 -6.17 12.73
CA LEU A 120 -3.67 -5.11 12.16
C LEU A 120 -4.47 -4.40 13.23
N THR A 121 -4.59 -3.08 13.08
CA THR A 121 -5.33 -2.21 14.01
C THR A 121 -6.79 -2.08 13.56
N LYS A 122 -7.60 -1.30 14.30
CA LYS A 122 -9.01 -1.18 13.95
C LYS A 122 -9.25 -0.74 12.49
N PRO A 123 -10.32 -1.26 11.88
CA PRO A 123 -10.63 -0.82 10.52
C PRO A 123 -10.84 0.70 10.37
N THR A 124 -10.20 1.27 9.36
CA THR A 124 -10.45 2.63 8.94
C THR A 124 -11.81 2.69 8.22
N GLU A 125 -12.26 3.90 7.94
CA GLU A 125 -13.55 4.10 7.27
C GLU A 125 -13.58 3.38 5.93
N THR A 126 -12.58 3.60 5.11
CA THR A 126 -12.45 2.88 3.85
C THR A 126 -12.61 1.36 4.05
N GLU A 127 -11.80 0.79 4.97
CA GLU A 127 -11.81 -0.64 5.28
C GLU A 127 -13.18 -1.22 5.69
N ARG A 128 -13.94 -0.53 6.55
CA ARG A 128 -15.27 -0.99 6.98
C ARG A 128 -16.26 -1.13 5.80
N GLY A 129 -16.10 -0.26 4.80
CA GLY A 129 -16.85 -0.34 3.55
C GLY A 129 -16.30 -1.31 2.50
N GLN A 130 -15.15 -1.93 2.77
CA GLN A 130 -14.63 -2.99 1.91
C GLN A 130 -15.19 -4.35 2.32
N TRP A 131 -15.01 -5.30 1.43
CA TRP A 131 -15.17 -6.71 1.71
C TRP A 131 -14.34 -7.02 2.96
N TYR A 132 -14.93 -7.71 3.91
CA TYR A 132 -14.28 -7.95 5.21
C TYR A 132 -12.85 -8.52 5.08
N PHE A 133 -12.65 -9.37 4.09
CA PHE A 133 -11.39 -10.07 3.93
C PHE A 133 -10.37 -9.28 3.15
N GLN A 134 -10.78 -8.16 2.53
CA GLN A 134 -9.87 -7.43 1.64
C GLN A 134 -8.55 -7.06 2.31
N ARG A 135 -8.66 -6.57 3.54
CA ARG A 135 -7.45 -6.07 4.25
C ARG A 135 -6.53 -7.18 4.81
N TYR A 136 -7.04 -8.42 4.83
CA TYR A 136 -6.21 -9.57 5.23
C TYR A 136 -5.53 -10.14 4.02
N VAL A 137 -6.22 -10.12 2.87
CA VAL A 137 -5.62 -10.55 1.61
C VAL A 137 -4.41 -9.65 1.34
N ALA A 138 -4.47 -8.37 1.75
CA ALA A 138 -3.33 -7.45 1.46
C ALA A 138 -1.98 -7.89 2.10
N THR A 139 -2.08 -8.81 3.09
CA THR A 139 -0.94 -9.26 3.91
C THR A 139 -0.49 -10.67 3.53
N PHE A 140 -1.22 -11.30 2.63
CA PHE A 140 -0.98 -12.70 2.25
C PHE A 140 0.49 -12.95 1.83
N PRO A 141 0.99 -14.17 2.01
CA PRO A 141 2.41 -14.43 1.67
C PRO A 141 2.79 -14.41 0.18
N THR A 142 3.95 -13.85 -0.15
CA THR A 142 4.60 -14.19 -1.39
C THR A 142 5.44 -15.46 -1.13
N ALA A 143 6.19 -15.90 -2.14
CA ALA A 143 6.93 -17.14 -2.09
C ALA A 143 7.95 -17.23 -0.97
N GLY A 144 7.95 -18.37 -0.31
CA GLY A 144 8.87 -18.58 0.78
C GLY A 144 8.43 -17.92 2.06
N GLU A 145 7.37 -17.10 2.01
CA GLU A 145 6.92 -16.41 3.24
C GLU A 145 6.10 -17.22 4.25
N PHE A 146 6.44 -16.99 5.53
CA PHE A 146 5.77 -17.57 6.67
C PHE A 146 5.05 -16.39 7.36
N VAL A 147 3.73 -16.41 7.35
CA VAL A 147 2.93 -15.29 7.88
C VAL A 147 2.15 -15.73 9.11
N LEU A 148 2.36 -15.02 10.23
CA LEU A 148 1.69 -15.25 11.49
C LEU A 148 0.77 -14.10 11.87
N PHE A 149 -0.44 -14.44 12.27
CA PHE A 149 -1.43 -13.41 12.57
C PHE A 149 -1.62 -13.27 14.04
N ASP A 150 -1.32 -12.09 14.54
CA ASP A 150 -1.58 -11.80 15.94
C ASP A 150 -3.10 -11.68 16.14
N ARG A 151 -3.74 -10.75 15.46
CA ARG A 151 -5.19 -10.83 15.37
C ARG A 151 -5.54 -11.18 13.91
N SER A 152 -6.45 -12.16 13.70
CA SER A 152 -6.82 -12.57 12.32
C SER A 152 -8.20 -12.09 11.91
N TRP A 153 -8.68 -12.60 10.79
CA TRP A 153 -10.09 -12.38 10.38
C TRP A 153 -11.15 -12.94 11.35
N TYR A 154 -10.75 -13.79 12.29
CA TYR A 154 -11.64 -14.38 13.28
C TYR A 154 -12.00 -13.43 14.44
N ASN A 155 -11.40 -12.24 14.42
CA ASN A 155 -12.01 -11.06 15.09
C ASN A 155 -13.52 -10.87 14.95
N ARG A 156 -14.09 -11.25 13.80
CA ARG A 156 -15.56 -11.14 13.59
C ARG A 156 -16.34 -12.36 14.15
N ALA A 157 -15.61 -13.37 14.59
CA ALA A 157 -16.20 -14.56 15.20
C ALA A 157 -16.21 -14.49 16.73
N GLY A 158 -15.50 -13.52 17.30
CA GLY A 158 -15.40 -13.37 18.74
C GLY A 158 -15.66 -11.95 19.21
N VAL A 159 -14.63 -11.11 19.10
CA VAL A 159 -14.58 -9.77 19.72
C VAL A 159 -15.60 -8.78 19.14
N GLU A 160 -15.79 -8.84 17.81
CA GLU A 160 -16.68 -7.90 17.12
C GLU A 160 -18.16 -8.07 17.47
N PRO A 161 -18.71 -9.32 17.37
CA PRO A 161 -20.12 -9.50 17.78
C PRO A 161 -20.36 -9.22 19.28
N VAL A 162 -19.53 -9.81 20.16
CA VAL A 162 -19.62 -9.70 21.63
C VAL A 162 -19.68 -8.24 22.12
N MSE A 163 -18.95 -7.36 21.45
CA MSE A 163 -18.88 -5.95 21.84
C MSE A 163 -19.77 -5.06 20.96
O MSE A 163 -19.89 -3.86 21.20
CB MSE A 163 -17.42 -5.47 21.80
CG MSE A 163 -16.43 -6.31 22.61
SE MSE A 163 -16.54 -5.97 24.54
CE MSE A 163 -15.86 -7.68 25.22
N GLY A 164 -20.40 -5.66 19.95
CA GLY A 164 -21.24 -4.91 19.02
C GLY A 164 -20.50 -4.09 17.98
N PHE A 165 -19.23 -4.43 17.71
CA PHE A 165 -18.45 -3.76 16.66
C PHE A 165 -18.89 -4.19 15.25
N CYS A 166 -19.56 -5.34 15.17
CA CYS A 166 -20.22 -5.79 13.95
C CYS A 166 -21.69 -6.15 14.24
N THR A 167 -22.56 -6.07 13.23
CA THR A 167 -23.97 -6.48 13.42
C THR A 167 -24.07 -8.01 13.52
N PRO A 168 -25.16 -8.52 14.15
CA PRO A 168 -25.47 -9.98 14.09
C PRO A 168 -25.45 -10.59 12.67
N ASP A 169 -25.88 -9.82 11.67
CA ASP A 169 -25.90 -10.29 10.30
C ASP A 169 -24.48 -10.44 9.75
N GLN A 170 -23.61 -9.50 10.09
CA GLN A 170 -22.21 -9.57 9.67
C GLN A 170 -21.49 -10.80 10.27
N TYR A 171 -21.75 -11.08 11.54
CA TYR A 171 -21.26 -12.30 12.20
C TYR A 171 -21.68 -13.64 11.53
N GLU A 172 -22.98 -13.81 11.35
CA GLU A 172 -23.56 -14.93 10.61
C GLU A 172 -22.91 -15.08 9.23
N GLN A 173 -22.79 -13.94 8.53
CA GLN A 173 -22.20 -13.84 7.21
C GLN A 173 -20.72 -14.24 7.23
N PHE A 174 -20.01 -13.90 8.31
CA PHE A 174 -18.61 -14.24 8.45
C PHE A 174 -18.39 -15.74 8.63
N LEU A 175 -19.26 -16.35 9.42
CA LEU A 175 -19.15 -17.77 9.72
C LEU A 175 -19.38 -18.64 8.47
N LYS A 176 -20.24 -18.15 7.58
CA LYS A 176 -20.49 -18.74 6.28
C LYS A 176 -19.34 -18.54 5.30
N GLU A 177 -18.79 -17.32 5.29
CA GLU A 177 -17.78 -16.96 4.30
C GLU A 177 -16.37 -17.46 4.59
N ALA A 178 -16.04 -17.63 5.88
CA ALA A 178 -14.66 -17.98 6.31
C ALA A 178 -14.17 -19.34 5.73
N PRO A 179 -15.00 -20.42 5.82
CA PRO A 179 -14.71 -21.68 5.12
C PRO A 179 -14.40 -21.53 3.62
N ARG A 180 -15.18 -20.69 2.93
CA ARG A 180 -14.97 -20.47 1.51
C ARG A 180 -13.65 -19.81 1.22
N PHE A 181 -13.35 -18.80 2.01
CA PHE A 181 -12.13 -18.01 1.94
C PHE A 181 -10.93 -18.90 2.19
N GLU A 182 -11.02 -19.74 3.22
CA GLU A 182 -10.02 -20.75 3.54
C GLU A 182 -9.85 -21.88 2.53
N GLU A 183 -10.90 -22.18 1.76
CA GLU A 183 -10.79 -23.08 0.63
C GLU A 183 -9.97 -22.45 -0.51
N MSE A 184 -10.20 -21.18 -0.80
CA MSE A 184 -9.33 -20.51 -1.71
C MSE A 184 -7.90 -20.60 -1.26
O MSE A 184 -7.02 -20.88 -2.05
CB MSE A 184 -9.75 -19.06 -1.96
CG MSE A 184 -11.14 -19.01 -2.60
SE MSE A 184 -11.68 -17.49 -3.73
CE MSE A 184 -10.70 -17.86 -5.42
N ILE A 185 -7.63 -20.34 0.01
CA ILE A 185 -6.28 -20.41 0.55
C ILE A 185 -5.68 -21.78 0.32
N ALA A 186 -6.41 -22.83 0.68
CA ALA A 186 -5.95 -24.23 0.49
C ALA A 186 -5.74 -24.58 -0.98
N ASN A 187 -6.65 -24.20 -1.87
CA ASN A 187 -6.46 -24.55 -3.28
C ASN A 187 -5.26 -23.82 -3.90
N GLU A 188 -4.97 -22.61 -3.40
CA GLU A 188 -3.77 -21.88 -3.87
C GLU A 188 -2.47 -22.59 -3.46
N GLY A 189 -2.53 -23.47 -2.48
CA GLY A 189 -1.30 -24.19 -2.06
C GLY A 189 -0.58 -23.55 -0.86
N ILE A 190 -1.22 -22.55 -0.24
CA ILE A 190 -0.77 -21.96 1.01
C ILE A 190 -1.28 -22.83 2.17
N HIS A 191 -0.35 -23.23 3.06
CA HIS A 191 -0.67 -24.01 4.22
C HIS A 191 -1.13 -23.12 5.35
N LEU A 192 -2.42 -23.22 5.66
CA LEU A 192 -2.97 -22.50 6.81
C LEU A 192 -3.06 -23.34 8.09
N PHE A 193 -2.50 -22.83 9.19
CA PHE A 193 -2.73 -23.36 10.54
C PHE A 193 -3.56 -22.36 11.33
N LYS A 194 -4.40 -22.89 12.22
CA LYS A 194 -5.28 -22.07 13.04
C LYS A 194 -5.24 -22.67 14.41
N PHE A 195 -4.83 -21.86 15.36
CA PHE A 195 -4.61 -22.32 16.74
C PHE A 195 -5.59 -21.62 17.64
N TRP A 196 -6.40 -22.41 18.35
CA TRP A 196 -7.18 -21.85 19.45
C TRP A 196 -6.49 -22.14 20.76
N ILE A 197 -6.08 -21.12 21.49
CA ILE A 197 -5.38 -21.32 22.76
C ILE A 197 -6.34 -21.04 23.94
N ASN A 198 -6.67 -22.11 24.65
CA ASN A 198 -7.57 -22.11 25.76
C ASN A 198 -6.82 -21.91 27.06
N ILE A 199 -7.43 -21.18 28.00
CA ILE A 199 -7.01 -21.19 29.41
C ILE A 199 -8.25 -21.26 30.27
N GLY A 200 -8.07 -21.69 31.52
CA GLY A 200 -9.14 -21.70 32.53
C GLY A 200 -9.46 -20.32 33.01
N ARG A 201 -10.67 -20.13 33.54
CA ARG A 201 -11.11 -18.80 34.02
C ARG A 201 -10.17 -18.19 35.07
N GLU A 202 -9.73 -19.00 36.02
CA GLU A 202 -8.89 -18.52 37.10
C GLU A 202 -7.52 -18.10 36.59
N MSE A 203 -7.00 -18.88 35.64
CA MSE A 203 -5.77 -18.57 34.96
C MSE A 203 -5.84 -17.20 34.22
O MSE A 203 -4.95 -16.36 34.39
CB MSE A 203 -5.36 -19.73 34.06
CG MSE A 203 -4.09 -19.52 33.30
SE MSE A 203 -2.61 -19.19 34.49
CE MSE A 203 -2.22 -21.03 35.00
N GLN A 204 -6.89 -16.96 33.45
CA GLN A 204 -7.09 -15.59 32.92
C GLN A 204 -6.97 -14.52 33.99
N LEU A 205 -7.71 -14.69 35.09
CA LEU A 205 -7.64 -13.74 36.22
C LEU A 205 -6.25 -13.56 36.78
N LYS A 206 -5.50 -14.66 36.84
CA LYS A 206 -4.17 -14.64 37.45
C LYS A 206 -3.24 -13.88 36.56
N ARG A 207 -3.38 -14.13 35.26
CA ARG A 207 -2.64 -13.40 34.26
C ARG A 207 -2.98 -11.93 34.19
N PHE A 208 -4.27 -11.61 34.26
CA PHE A 208 -4.73 -10.22 34.40
C PHE A 208 -4.07 -9.52 35.57
N HIS A 209 -4.02 -10.22 36.70
CA HIS A 209 -3.41 -9.75 37.92
C HIS A 209 -1.88 -9.60 37.78
N ASP A 210 -1.23 -10.58 37.15
CA ASP A 210 0.21 -10.53 36.91
C ASP A 210 0.52 -9.23 36.17
N ARG A 211 -0.29 -8.96 35.15
CA ARG A 211 -0.15 -7.79 34.28
C ARG A 211 -0.26 -6.46 34.99
N ARG A 212 -1.31 -6.33 35.80
CA ARG A 212 -1.54 -5.12 36.58
C ARG A 212 -0.34 -4.79 37.50
N HIS A 213 0.23 -5.80 38.12
CA HIS A 213 1.26 -5.56 39.13
C HIS A 213 2.71 -5.73 38.68
N ASP A 214 2.93 -5.93 37.38
CA ASP A 214 4.26 -5.91 36.78
C ASP A 214 4.35 -4.65 35.95
N PRO A 215 5.25 -3.72 36.31
CA PRO A 215 5.32 -2.44 35.55
C PRO A 215 5.82 -2.60 34.11
N LEU A 216 6.24 -3.82 33.79
CA LEU A 216 6.70 -4.18 32.46
C LEU A 216 5.56 -4.67 31.59
N LYS A 217 4.45 -5.04 32.24
CA LYS A 217 3.34 -5.70 31.56
C LYS A 217 2.02 -4.95 31.70
N ILE A 218 2.00 -3.88 32.51
CA ILE A 218 0.77 -3.19 32.88
C ILE A 218 0.01 -2.74 31.64
N TRP A 219 0.77 -2.27 30.64
CA TRP A 219 0.21 -1.83 29.36
C TRP A 219 -0.61 -2.90 28.63
N LYS A 220 -0.43 -4.17 29.00
CA LYS A 220 -1.19 -5.25 28.37
C LYS A 220 -2.66 -5.20 28.76
N LEU A 221 -2.94 -4.52 29.87
CA LEU A 221 -4.29 -4.36 30.39
C LEU A 221 -4.96 -3.09 29.92
N SER A 222 -6.16 -3.21 29.36
CA SER A 222 -7.01 -2.03 29.12
C SER A 222 -8.29 -2.09 29.94
N PRO A 223 -8.96 -0.92 30.15
CA PRO A 223 -10.36 -0.85 30.63
C PRO A 223 -11.29 -1.88 29.99
N MSE A 224 -11.28 -1.97 28.65
CA MSE A 224 -12.09 -2.95 27.92
CA MSE A 224 -12.07 -2.94 27.92
C MSE A 224 -11.86 -4.35 28.49
O MSE A 224 -12.81 -5.04 28.86
CB MSE A 224 -11.77 -2.92 26.40
CB MSE A 224 -11.74 -2.90 26.42
CG MSE A 224 -12.97 -3.28 25.50
CG MSE A 224 -11.87 -1.52 25.76
SE MSE A 224 -12.58 -3.70 23.59
SE MSE A 224 -10.26 -0.40 25.90
CE MSE A 224 -12.91 -5.62 23.61
CE MSE A 224 -11.08 1.26 26.55
N ASP A 225 -10.59 -4.75 28.57
CA ASP A 225 -10.20 -6.06 29.10
C ASP A 225 -10.85 -6.39 30.44
N ILE A 226 -10.87 -5.43 31.36
CA ILE A 226 -11.39 -5.66 32.71
C ILE A 226 -12.91 -5.80 32.74
N ALA A 227 -13.62 -4.95 31.98
CA ALA A 227 -15.07 -5.06 31.89
C ALA A 227 -15.51 -6.39 31.26
N ALA A 228 -14.78 -6.86 30.25
CA ALA A 228 -15.08 -8.10 29.51
C ALA A 228 -14.95 -9.41 30.34
N LEU A 229 -14.32 -9.30 31.50
CA LEU A 229 -14.26 -10.39 32.48
C LEU A 229 -15.63 -10.97 32.89
N SER A 230 -16.69 -10.16 32.86
CA SER A 230 -18.02 -10.70 33.18
C SER A 230 -18.66 -11.31 31.92
N LYS A 231 -18.08 -11.01 30.77
CA LYS A 231 -18.60 -11.49 29.51
C LYS A 231 -17.99 -12.86 29.15
N TRP A 232 -17.50 -13.58 30.17
CA TRP A 232 -16.83 -14.88 29.97
C TRP A 232 -17.71 -15.96 29.27
N ASP A 233 -18.95 -16.14 29.70
CA ASP A 233 -19.85 -17.13 29.12
C ASP A 233 -20.29 -16.83 27.69
N ASP A 234 -20.39 -15.56 27.34
CA ASP A 234 -20.67 -15.14 26.00
C ASP A 234 -19.49 -15.56 25.09
N TYR A 235 -18.26 -15.29 25.53
CA TYR A 235 -17.07 -15.73 24.79
C TYR A 235 -16.98 -17.25 24.55
N THR A 236 -17.33 -18.05 25.53
CA THR A 236 -17.50 -19.50 25.38
C THR A 236 -18.48 -19.91 24.27
N GLY A 237 -19.66 -19.31 24.26
CA GLY A 237 -20.60 -19.54 23.18
C GLY A 237 -20.04 -19.17 21.82
N LYS A 238 -19.50 -17.95 21.68
CA LYS A 238 -18.96 -17.52 20.39
C LYS A 238 -17.83 -18.42 20.02
N ARG A 239 -17.03 -18.82 21.01
CA ARG A 239 -15.93 -19.74 20.80
C ARG A 239 -16.40 -21.06 20.20
N ASP A 240 -17.35 -21.69 20.89
CA ASP A 240 -17.89 -22.98 20.50
C ASP A 240 -18.57 -22.95 19.15
N ARG A 241 -19.38 -21.93 18.92
CA ARG A 241 -20.00 -21.75 17.62
C ARG A 241 -18.99 -21.52 16.47
N MSE A 242 -17.91 -20.79 16.75
CA MSE A 242 -16.86 -20.55 15.75
C MSE A 242 -16.12 -21.84 15.39
O MSE A 242 -15.93 -22.12 14.22
CB MSE A 242 -15.88 -19.47 16.21
CG MSE A 242 -14.65 -19.36 15.29
SE MSE A 242 -13.04 -19.29 16.31
CE MSE A 242 -12.94 -17.38 16.54
N LEU A 243 -15.68 -22.57 16.41
CA LEU A 243 -14.99 -23.85 16.19
C LEU A 243 -15.90 -24.81 15.41
N LYS A 244 -17.18 -24.85 15.80
CA LYS A 244 -18.19 -25.66 15.13
C LYS A 244 -18.39 -25.34 13.64
N GLU A 245 -18.55 -24.06 13.31
CA GLU A 245 -18.83 -23.60 11.94
C GLU A 245 -17.63 -23.55 11.00
N THR A 246 -16.47 -23.24 11.55
CA THR A 246 -15.31 -22.94 10.71
C THR A 246 -14.21 -24.00 10.79
N HIS A 247 -14.43 -25.04 11.56
CA HIS A 247 -13.55 -26.20 11.51
C HIS A 247 -13.95 -26.99 10.30
N THR A 248 -13.11 -26.97 9.28
CA THR A 248 -13.34 -27.73 8.06
C THR A 248 -12.07 -28.48 7.67
N GLU A 249 -12.18 -29.28 6.62
CA GLU A 249 -11.09 -30.08 6.10
C GLU A 249 -9.92 -29.24 5.59
N HIS A 250 -10.27 -28.20 4.84
CA HIS A 250 -9.33 -27.27 4.25
C HIS A 250 -8.78 -26.25 5.29
N GLY A 251 -9.56 -26.05 6.38
CA GLY A 251 -9.21 -25.17 7.50
C GLY A 251 -9.50 -25.75 8.87
N PRO A 252 -8.70 -26.75 9.29
CA PRO A 252 -8.88 -27.29 10.64
C PRO A 252 -8.46 -26.38 11.80
N TRP A 253 -9.23 -26.40 12.89
CA TRP A 253 -8.81 -25.80 14.14
C TRP A 253 -8.00 -26.82 14.96
N ALA A 254 -6.81 -26.39 15.39
CA ALA A 254 -6.01 -27.06 16.42
C ALA A 254 -6.37 -26.28 17.68
N VAL A 255 -6.67 -27.01 18.75
CA VAL A 255 -7.11 -26.40 19.98
C VAL A 255 -6.09 -26.82 21.05
N ILE A 256 -5.54 -25.82 21.74
CA ILE A 256 -4.47 -25.96 22.72
C ILE A 256 -4.98 -25.67 24.13
N ARG A 257 -4.72 -26.55 25.08
CA ARG A 257 -4.97 -26.18 26.50
C ARG A 257 -3.75 -25.40 26.93
N GLY A 258 -3.94 -24.13 27.27
CA GLY A 258 -2.84 -23.15 27.36
C GLY A 258 -2.45 -22.66 28.75
N ASN A 259 -3.03 -23.27 29.79
CA ASN A 259 -2.66 -22.94 31.19
C ASN A 259 -1.17 -22.89 31.46
N ASP A 260 -0.43 -23.80 30.84
CA ASP A 260 1.01 -23.86 30.92
C ASP A 260 1.52 -23.40 29.54
N LYS A 261 2.16 -22.23 29.53
CA LYS A 261 2.60 -21.56 28.30
C LYS A 261 3.75 -22.31 27.68
N ARG A 262 4.52 -23.02 28.50
CA ARG A 262 5.63 -23.84 28.00
C ARG A 262 5.14 -25.04 27.18
N ARG A 263 4.14 -25.74 27.68
CA ARG A 263 3.57 -26.86 26.94
C ARG A 263 2.78 -26.37 25.74
N SER A 264 2.10 -25.26 25.90
CA SER A 264 1.45 -24.60 24.78
C SER A 264 2.39 -24.24 23.59
N ARG A 265 3.43 -23.46 23.84
CA ARG A 265 4.40 -23.12 22.80
C ARG A 265 5.05 -24.32 22.15
N ILE A 266 5.51 -25.27 22.95
CA ILE A 266 6.12 -26.49 22.42
C ILE A 266 5.14 -27.24 21.50
N ASN A 267 3.89 -27.42 21.95
CA ASN A 267 2.94 -28.23 21.13
C ASN A 267 2.43 -27.54 19.88
N VAL A 268 2.29 -26.20 19.94
CA VAL A 268 2.02 -25.37 18.72
C VAL A 268 3.08 -25.63 17.61
N ILE A 269 4.34 -25.55 18.02
CA ILE A 269 5.43 -25.73 17.09
C ILE A 269 5.56 -27.19 16.58
N ARG A 270 5.48 -28.16 17.50
CA ARG A 270 5.50 -29.59 17.08
C ARG A 270 4.38 -29.85 16.06
N HIS A 271 3.17 -29.39 16.35
CA HIS A 271 2.09 -29.61 15.40
C HIS A 271 2.46 -29.14 13.97
N MSE A 272 2.99 -27.93 13.86
CA MSE A 272 3.33 -27.34 12.59
C MSE A 272 4.46 -28.14 11.93
O MSE A 272 4.36 -28.47 10.76
CB MSE A 272 3.75 -25.90 12.78
CG MSE A 272 2.55 -24.94 12.97
SE MSE A 272 3.01 -23.01 12.99
CE MSE A 272 4.43 -23.08 14.34
N LEU A 273 5.48 -28.50 12.70
CA LEU A 273 6.54 -29.31 12.20
C LEU A 273 6.03 -30.70 11.75
N THR A 274 5.10 -31.29 12.47
CA THR A 274 4.55 -32.58 12.06
C THR A 274 3.77 -32.50 10.75
N LYS A 275 3.09 -31.39 10.47
CA LYS A 275 2.24 -31.27 9.28
C LYS A 275 2.96 -30.72 8.05
N LEU A 276 4.20 -30.31 8.22
CA LEU A 276 4.98 -29.74 7.13
C LEU A 276 5.95 -30.82 6.68
N ASP A 277 5.95 -31.04 5.37
CA ASP A 277 6.75 -32.09 4.79
C ASP A 277 8.10 -31.51 4.36
N TYR A 278 8.83 -30.94 5.31
CA TYR A 278 10.05 -30.18 5.01
C TYR A 278 11.36 -31.04 4.91
N ASP A 279 12.34 -30.49 4.17
CA ASP A 279 13.62 -31.12 3.96
C ASP A 279 14.57 -31.08 5.19
N GLY A 280 15.12 -32.23 5.58
CA GLY A 280 16.00 -32.37 6.75
C GLY A 280 15.20 -32.60 8.04
N LYS A 281 13.91 -32.85 7.90
CA LYS A 281 13.06 -33.13 9.02
C LYS A 281 13.63 -34.24 9.90
N ASP A 282 13.68 -34.02 11.19
CA ASP A 282 14.24 -34.98 12.12
C ASP A 282 13.15 -35.25 13.13
N GLU A 283 12.43 -36.35 12.94
CA GLU A 283 11.27 -36.64 13.76
C GLU A 283 11.63 -36.81 15.23
N ALA A 284 12.84 -37.30 15.50
CA ALA A 284 13.28 -37.50 16.88
C ALA A 284 13.42 -36.16 17.61
N ALA A 285 13.92 -35.16 16.90
CA ALA A 285 14.04 -33.80 17.43
C ALA A 285 12.67 -33.12 17.56
N ILE A 286 11.72 -33.46 16.70
CA ILE A 286 10.36 -32.93 16.81
C ILE A 286 9.66 -33.51 18.05
N GLY A 287 9.80 -34.82 18.26
CA GLY A 287 9.11 -35.47 19.34
C GLY A 287 7.65 -35.66 19.01
N GLU A 288 6.85 -35.90 20.04
CA GLU A 288 5.46 -36.24 19.88
C GLU A 288 4.55 -35.12 20.38
N VAL A 289 3.64 -34.69 19.53
CA VAL A 289 2.53 -33.85 19.94
C VAL A 289 1.78 -34.56 21.08
N ASP A 290 1.56 -33.80 22.14
CA ASP A 290 0.87 -34.24 23.32
C ASP A 290 -0.63 -34.05 23.13
N GLU A 291 -1.32 -35.18 23.08
CA GLU A 291 -2.75 -35.24 22.83
C GLU A 291 -3.57 -34.80 24.04
N LYS A 292 -2.93 -34.66 25.19
CA LYS A 292 -3.59 -34.07 26.35
C LYS A 292 -3.57 -32.55 26.28
N ILE A 293 -2.75 -32.00 25.39
CA ILE A 293 -2.60 -30.56 25.28
C ILE A 293 -3.15 -30.03 23.94
N LEU A 294 -2.87 -30.72 22.85
CA LEU A 294 -3.31 -30.31 21.53
C LEU A 294 -4.39 -31.28 21.00
N GLY A 295 -5.57 -30.73 20.74
CA GLY A 295 -6.72 -31.48 20.22
C GLY A 295 -7.23 -30.86 18.91
N SER A 296 -8.40 -31.28 18.48
CA SER A 296 -8.85 -31.00 17.12
C SER A 296 -10.30 -30.58 17.12
N GLY A 297 -10.57 -29.38 16.60
CA GLY A 297 -11.93 -28.89 16.40
C GLY A 297 -12.78 -28.82 17.66
N PRO A 298 -14.12 -28.85 17.51
CA PRO A 298 -14.95 -28.76 18.71
C PRO A 298 -15.03 -30.13 19.40
N GLY A 299 -15.32 -30.14 20.71
CA GLY A 299 -15.42 -31.40 21.46
C GLY A 299 -14.19 -31.77 22.27
N PHE A 300 -13.03 -31.24 21.89
CA PHE A 300 -11.79 -31.46 22.66
C PHE A 300 -11.88 -30.77 24.02
N LEU A 301 -12.71 -29.73 24.03
CA LEU A 301 -12.72 -28.69 25.03
C LEU A 301 -14.14 -28.49 25.54
N GLY B 15 6.96 -4.07 -46.64
CA GLY B 15 6.75 -5.54 -46.49
C GLY B 15 7.76 -6.23 -45.60
N SER B 16 8.20 -5.52 -44.55
CA SER B 16 9.20 -6.06 -43.64
C SER B 16 8.53 -6.75 -42.45
N ARG B 17 7.26 -6.38 -42.19
CA ARG B 17 6.43 -7.08 -41.21
C ARG B 17 5.14 -7.69 -41.79
N ALA B 18 5.04 -7.72 -43.11
CA ALA B 18 3.94 -8.36 -43.82
C ALA B 18 3.78 -9.82 -43.38
N VAL B 19 2.55 -10.33 -43.39
CA VAL B 19 2.26 -11.63 -42.82
C VAL B 19 1.12 -12.31 -43.56
N GLU B 20 1.19 -13.63 -43.70
CA GLU B 20 0.11 -14.38 -44.32
C GLU B 20 -0.86 -14.89 -43.29
N LEU B 21 -2.13 -14.82 -43.64
CA LEU B 21 -3.19 -15.23 -42.73
C LEU B 21 -4.25 -16.03 -43.46
N GLU B 22 -4.90 -16.88 -42.70
CA GLU B 22 -5.99 -17.71 -43.16
C GLU B 22 -7.26 -17.07 -42.66
N ILE B 23 -7.79 -16.13 -43.44
CA ILE B 23 -9.02 -15.47 -43.10
C ILE B 23 -10.15 -16.39 -43.53
N ASP B 24 -10.73 -17.08 -42.55
CA ASP B 24 -11.74 -18.14 -42.75
C ASP B 24 -11.42 -19.07 -43.92
N GLY B 25 -10.38 -19.88 -43.75
CA GLY B 25 -9.97 -20.89 -44.73
C GLY B 25 -9.46 -20.32 -46.04
N ARG B 26 -9.31 -18.99 -46.08
CA ARG B 26 -8.91 -18.29 -47.30
C ARG B 26 -7.62 -17.49 -47.06
N SER B 27 -6.55 -17.84 -47.77
CA SER B 27 -5.22 -17.27 -47.52
C SER B 27 -5.13 -15.82 -47.98
N ARG B 28 -4.28 -15.03 -47.32
CA ARG B 28 -4.31 -13.57 -47.44
C ARG B 28 -3.00 -12.96 -46.92
N ILE B 29 -2.47 -11.93 -47.56
CA ILE B 29 -1.32 -11.20 -46.96
C ILE B 29 -1.69 -9.80 -46.42
N PHE B 30 -1.53 -9.64 -45.10
CA PHE B 30 -1.70 -8.35 -44.45
C PHE B 30 -0.34 -7.69 -44.20
N ASP B 31 -0.16 -6.47 -44.72
CA ASP B 31 1.03 -5.68 -44.41
C ASP B 31 0.67 -4.38 -43.63
N ILE B 32 0.86 -4.41 -42.32
CA ILE B 32 0.45 -3.34 -41.42
C ILE B 32 1.06 -1.97 -41.68
N ASP B 33 2.33 -1.98 -42.12
CA ASP B 33 3.09 -0.74 -42.35
C ASP B 33 2.84 -0.10 -43.70
N ASP B 34 2.06 -0.77 -44.55
CA ASP B 34 1.59 -0.18 -45.79
C ASP B 34 0.38 0.70 -45.45
N PRO B 35 0.51 2.03 -45.67
CA PRO B 35 -0.55 2.97 -45.33
C PRO B 35 -1.86 2.81 -46.16
N ASP B 36 -1.83 2.00 -47.22
CA ASP B 36 -3.03 1.65 -48.01
C ASP B 36 -3.66 0.35 -47.55
N LEU B 37 -4.94 0.42 -47.20
CA LEU B 37 -5.66 -0.71 -46.62
C LEU B 37 -6.31 -1.55 -47.74
N PRO B 38 -5.95 -2.85 -47.85
CA PRO B 38 -6.55 -3.57 -48.97
C PRO B 38 -8.05 -3.73 -48.77
N LYS B 39 -8.75 -3.84 -49.88
CA LYS B 39 -10.20 -3.77 -49.90
C LYS B 39 -10.85 -4.99 -49.26
N TRP B 40 -10.17 -6.16 -49.31
CA TRP B 40 -10.71 -7.33 -48.62
C TRP B 40 -10.86 -7.11 -47.09
N ILE B 41 -10.11 -6.15 -46.53
CA ILE B 41 -10.28 -5.70 -45.14
C ILE B 41 -11.21 -4.49 -45.07
N ASP B 42 -10.83 -3.40 -45.75
CA ASP B 42 -11.52 -2.14 -45.63
C ASP B 42 -13.01 -2.28 -45.88
N GLU B 43 -13.38 -3.06 -46.89
CA GLU B 43 -14.78 -3.22 -47.29
C GLU B 43 -15.46 -4.38 -46.60
N GLU B 44 -14.70 -5.23 -45.92
CA GLU B 44 -15.31 -6.38 -45.25
C GLU B 44 -15.42 -6.25 -43.72
N ALA B 45 -14.66 -5.29 -43.15
CA ALA B 45 -14.50 -5.12 -41.70
C ALA B 45 -15.82 -4.97 -40.96
N PHE B 46 -16.67 -4.05 -41.43
CA PHE B 46 -17.92 -3.72 -40.74
C PHE B 46 -18.88 -4.91 -40.62
N ARG B 47 -18.99 -5.71 -41.67
CA ARG B 47 -19.94 -6.80 -41.66
C ARG B 47 -19.35 -8.15 -41.28
N SER B 48 -18.05 -8.19 -40.99
CA SER B 48 -17.43 -9.43 -40.51
C SER B 48 -18.17 -10.08 -39.33
N ASP B 49 -18.07 -11.41 -39.28
CA ASP B 49 -18.71 -12.25 -38.27
C ASP B 49 -20.22 -12.02 -38.21
N ASP B 50 -20.85 -11.92 -39.38
CA ASP B 50 -22.31 -11.66 -39.56
C ASP B 50 -22.83 -10.55 -38.68
N TYR B 51 -22.15 -9.41 -38.68
CA TYR B 51 -22.61 -8.25 -37.92
C TYR B 51 -24.05 -7.94 -38.38
N PRO B 52 -25.00 -7.79 -37.43
CA PRO B 52 -26.42 -7.65 -37.84
C PRO B 52 -26.81 -6.37 -38.61
N TYR B 53 -25.92 -5.39 -38.73
CA TYR B 53 -26.28 -4.13 -39.35
C TYR B 53 -25.42 -3.80 -40.54
N LYS B 54 -26.00 -3.09 -41.49
CA LYS B 54 -25.29 -2.66 -42.71
C LYS B 54 -24.36 -1.46 -42.50
N LYS B 55 -24.76 -0.48 -41.70
CA LYS B 55 -23.92 0.71 -41.54
C LYS B 55 -23.81 1.19 -40.11
N LYS B 56 -22.85 2.10 -39.91
CA LYS B 56 -22.57 2.74 -38.62
C LYS B 56 -23.80 3.45 -38.14
N LEU B 57 -24.03 3.32 -36.83
CA LEU B 57 -25.02 4.11 -36.13
C LEU B 57 -24.65 5.57 -36.33
N ASP B 58 -25.61 6.33 -36.85
CA ASP B 58 -25.49 7.76 -37.02
C ASP B 58 -24.89 8.37 -35.78
N ARG B 59 -23.90 9.26 -35.96
CA ARG B 59 -23.12 9.77 -34.86
C ARG B 59 -23.89 10.72 -33.96
N GLU B 60 -24.83 11.48 -34.53
CA GLU B 60 -25.62 12.41 -33.73
C GLU B 60 -26.63 11.68 -32.87
N GLU B 61 -27.30 10.69 -33.46
CA GLU B 61 -28.21 9.78 -32.72
C GLU B 61 -27.49 9.06 -31.57
N TYR B 62 -26.27 8.61 -31.84
CA TYR B 62 -25.38 8.04 -30.83
C TYR B 62 -25.08 9.03 -29.71
N GLU B 63 -24.65 10.23 -30.06
CA GLU B 63 -24.31 11.23 -29.05
C GLU B 63 -25.53 11.63 -28.21
N GLU B 64 -26.68 11.80 -28.87
CA GLU B 64 -27.96 12.05 -28.21
C GLU B 64 -28.38 10.89 -27.24
N THR B 65 -28.32 9.65 -27.71
CA THR B 65 -28.54 8.48 -26.84
C THR B 65 -27.54 8.42 -25.65
N LEU B 66 -26.24 8.55 -25.95
CA LEU B 66 -25.21 8.50 -24.91
C LEU B 66 -25.45 9.53 -23.82
N THR B 67 -25.84 10.74 -24.23
CA THR B 67 -26.12 11.80 -23.27
C THR B 67 -27.19 11.39 -22.26
N LYS B 68 -28.31 10.84 -22.75
CA LYS B 68 -29.37 10.32 -21.87
C LYS B 68 -28.88 9.21 -20.93
N LEU B 69 -28.03 8.32 -21.44
CA LEU B 69 -27.52 7.21 -20.67
C LEU B 69 -26.62 7.69 -19.57
N GLN B 70 -25.90 8.76 -19.83
CA GLN B 70 -24.94 9.33 -18.91
C GLN B 70 -25.63 10.11 -17.78
N ILE B 71 -26.75 10.79 -18.10
CA ILE B 71 -27.59 11.40 -17.10
C ILE B 71 -28.18 10.30 -16.21
N GLU B 72 -28.52 9.14 -16.76
CA GLU B 72 -28.96 8.05 -15.90
C GLU B 72 -27.81 7.57 -14.98
N LEU B 73 -26.56 7.74 -15.43
CA LEU B 73 -25.38 7.24 -14.69
C LEU B 73 -25.02 8.17 -13.55
N VAL B 74 -25.44 9.43 -13.66
CA VAL B 74 -25.35 10.38 -12.53
C VAL B 74 -26.30 9.93 -11.43
N LYS B 75 -27.50 9.49 -11.80
CA LYS B 75 -28.42 8.91 -10.81
C LYS B 75 -27.80 7.71 -10.08
N VAL B 76 -27.25 6.76 -10.84
CA VAL B 76 -26.58 5.56 -10.32
C VAL B 76 -25.58 5.92 -9.22
N GLN B 77 -24.74 6.90 -9.54
CA GLN B 77 -23.70 7.41 -8.67
C GLN B 77 -24.28 8.02 -7.37
N PHE B 78 -25.22 9.00 -7.50
CA PHE B 78 -25.96 9.52 -6.33
C PHE B 78 -26.59 8.37 -5.54
N TRP B 79 -27.20 7.42 -6.25
CA TRP B 79 -27.84 6.26 -5.59
C TRP B 79 -26.83 5.35 -4.85
N MSE B 80 -25.66 5.11 -5.46
CA MSE B 80 -24.59 4.29 -4.86
C MSE B 80 -24.01 4.93 -3.63
O MSE B 80 -23.69 4.21 -2.69
CB MSE B 80 -23.46 3.99 -5.86
CG MSE B 80 -23.90 3.04 -6.97
SE MSE B 80 -22.64 2.79 -8.39
CE MSE B 80 -21.34 1.82 -7.27
N GLN B 81 -23.82 6.25 -3.67
CA GLN B 81 -23.30 6.97 -2.50
C GLN B 81 -24.29 6.88 -1.32
N ALA B 82 -25.59 6.97 -1.61
CA ALA B 82 -26.58 6.96 -0.51
C ALA B 82 -26.80 5.57 0.09
N THR B 83 -26.70 4.53 -0.73
CA THR B 83 -26.83 3.13 -0.30
C THR B 83 -25.50 2.46 0.06
N GLY B 84 -24.37 3.04 -0.33
CA GLY B 84 -23.08 2.37 -0.16
C GLY B 84 -22.84 1.26 -1.21
N LYS B 85 -23.83 1.06 -2.08
CA LYS B 85 -23.79 0.03 -3.12
C LYS B 85 -22.48 0.06 -3.90
N ARG B 86 -21.89 -1.12 -4.13
CA ARG B 86 -20.59 -1.25 -4.86
C ARG B 86 -20.77 -1.98 -6.16
N VAL B 87 -20.02 -1.56 -7.19
CA VAL B 87 -20.12 -2.15 -8.51
C VAL B 87 -18.72 -2.32 -9.12
N MSE B 88 -18.48 -3.48 -9.73
CA MSE B 88 -17.29 -3.70 -10.56
C MSE B 88 -17.69 -4.06 -12.00
O MSE B 88 -18.65 -4.79 -12.20
CB MSE B 88 -16.39 -4.80 -10.00
CG MSE B 88 -15.92 -4.54 -8.58
SE MSE B 88 -14.70 -5.93 -7.88
CE MSE B 88 -15.93 -7.17 -7.45
N ALA B 89 -16.96 -3.54 -12.98
CA ALA B 89 -17.22 -3.85 -14.40
C ALA B 89 -15.95 -4.30 -15.04
N VAL B 90 -15.98 -5.54 -15.53
CA VAL B 90 -14.85 -6.17 -16.20
C VAL B 90 -15.10 -6.10 -17.71
N PHE B 91 -14.09 -5.70 -18.49
CA PHE B 91 -14.21 -5.67 -19.95
C PHE B 91 -13.11 -6.47 -20.58
N GLU B 92 -13.46 -7.51 -21.35
CA GLU B 92 -12.45 -8.33 -22.05
C GLU B 92 -12.85 -8.43 -23.55
N GLY B 93 -11.98 -8.99 -24.39
CA GLY B 93 -12.23 -9.08 -25.83
C GLY B 93 -10.91 -9.27 -26.56
N ARG B 94 -10.93 -9.37 -27.88
CA ARG B 94 -9.64 -9.47 -28.58
C ARG B 94 -8.96 -8.12 -28.58
N ASP B 95 -7.65 -8.12 -28.85
CA ASP B 95 -6.93 -6.87 -29.08
C ASP B 95 -7.74 -5.98 -30.06
N ALA B 96 -7.92 -4.72 -29.64
CA ALA B 96 -8.66 -3.67 -30.38
C ALA B 96 -10.17 -3.85 -30.39
N ALA B 97 -10.74 -4.72 -29.54
CA ALA B 97 -12.20 -4.93 -29.52
C ALA B 97 -13.01 -3.70 -29.18
N GLY B 98 -12.43 -2.82 -28.35
CA GLY B 98 -13.09 -1.59 -27.94
C GLY B 98 -13.38 -1.43 -26.46
N LYS B 99 -12.56 -2.00 -25.58
CA LYS B 99 -12.74 -1.96 -24.11
C LYS B 99 -12.60 -0.56 -23.47
N GLY B 100 -11.53 0.16 -23.86
CA GLY B 100 -11.19 1.49 -23.35
C GLY B 100 -12.28 2.47 -23.71
N GLY B 101 -12.77 2.35 -24.95
CA GLY B 101 -13.95 3.08 -25.40
C GLY B 101 -15.25 2.83 -24.62
N ALA B 102 -15.55 1.57 -24.30
CA ALA B 102 -16.71 1.29 -23.46
C ALA B 102 -16.57 1.86 -22.03
N ILE B 103 -15.38 1.75 -21.46
CA ILE B 103 -15.04 2.36 -20.18
C ILE B 103 -15.14 3.90 -20.21
N HIS B 104 -14.48 4.56 -21.17
CA HIS B 104 -14.56 6.03 -21.22
C HIS B 104 -15.99 6.56 -21.46
N ALA B 105 -16.81 5.85 -22.25
CA ALA B 105 -18.19 6.25 -22.44
C ALA B 105 -19.01 6.14 -21.16
N THR B 106 -18.60 5.20 -20.33
CA THR B 106 -19.21 5.04 -19.01
C THR B 106 -18.78 6.15 -18.05
N THR B 107 -17.47 6.40 -17.99
CA THR B 107 -16.92 7.27 -16.97
C THR B 107 -16.83 8.75 -17.35
N ALA B 108 -16.91 9.12 -18.65
CA ALA B 108 -16.74 10.53 -19.08
C ALA B 108 -17.45 11.64 -18.22
N ASN B 109 -18.64 11.37 -17.75
CA ASN B 109 -19.38 12.36 -16.96
C ASN B 109 -19.74 11.86 -15.60
N MSE B 110 -18.91 10.98 -15.07
CA MSE B 110 -19.06 10.47 -13.71
C MSE B 110 -18.01 11.14 -12.85
O MSE B 110 -17.01 11.65 -13.34
CB MSE B 110 -18.92 8.94 -13.68
CG MSE B 110 -20.14 8.22 -14.28
SE MSE B 110 -20.02 6.30 -14.11
CE MSE B 110 -20.96 6.09 -12.47
N ASN B 111 -18.29 11.18 -11.56
CA ASN B 111 -17.34 11.68 -10.60
C ASN B 111 -16.25 10.63 -10.41
N PRO B 112 -14.99 10.96 -10.80
CA PRO B 112 -13.81 10.09 -10.73
C PRO B 112 -13.40 9.85 -9.30
N ARG B 113 -14.03 10.56 -8.39
CA ARG B 113 -13.77 10.38 -6.98
C ARG B 113 -14.40 9.08 -6.49
N SER B 114 -15.39 8.58 -7.25
CA SER B 114 -16.11 7.36 -6.91
C SER B 114 -16.16 6.30 -8.06
N ALA B 115 -15.77 6.73 -9.26
CA ALA B 115 -15.72 5.86 -10.41
C ALA B 115 -14.27 5.73 -10.82
N ARG B 116 -13.67 4.59 -10.54
CA ARG B 116 -12.28 4.48 -10.87
C ARG B 116 -11.96 3.35 -11.85
N VAL B 117 -10.99 3.63 -12.70
CA VAL B 117 -10.55 2.73 -13.70
C VAL B 117 -9.26 2.08 -13.24
N VAL B 118 -9.24 0.74 -13.24
CA VAL B 118 -8.05 0.00 -12.85
C VAL B 118 -7.32 -0.47 -14.11
N ALA B 119 -6.07 -0.04 -14.23
CA ALA B 119 -5.21 -0.41 -15.36
C ALA B 119 -3.92 -1.00 -14.81
N LEU B 120 -3.95 -2.32 -14.58
CA LEU B 120 -2.83 -2.99 -13.90
C LEU B 120 -1.77 -3.37 -14.92
N THR B 121 -0.54 -2.98 -14.61
CA THR B 121 0.64 -3.38 -15.42
C THR B 121 0.97 -4.87 -15.18
N LYS B 122 1.98 -5.39 -15.87
CA LYS B 122 2.44 -6.78 -15.68
C LYS B 122 2.73 -7.09 -14.18
N PRO B 123 2.58 -8.36 -13.78
CA PRO B 123 2.89 -8.75 -12.38
C PRO B 123 4.34 -8.53 -11.99
N THR B 124 4.60 -7.91 -10.85
CA THR B 124 5.97 -7.88 -10.35
C THR B 124 6.34 -9.30 -9.91
N GLU B 125 7.61 -9.47 -9.54
CA GLU B 125 8.11 -10.71 -9.04
C GLU B 125 7.41 -11.10 -7.75
N THR B 126 7.28 -10.15 -6.82
CA THR B 126 6.52 -10.37 -5.59
C THR B 126 5.09 -10.89 -5.89
N GLU B 127 4.40 -10.20 -6.80
CA GLU B 127 3.04 -10.53 -7.23
C GLU B 127 2.90 -11.92 -7.85
N ARG B 128 3.89 -12.32 -8.66
CA ARG B 128 3.93 -13.66 -9.27
C ARG B 128 3.99 -14.81 -8.25
N GLY B 129 4.57 -14.57 -7.07
CA GLY B 129 4.64 -15.57 -6.00
C GLY B 129 3.45 -15.50 -5.06
N GLN B 130 2.61 -14.47 -5.25
CA GLN B 130 1.32 -14.35 -4.51
C GLN B 130 0.21 -15.14 -5.15
N TRP B 131 -0.81 -15.39 -4.37
CA TRP B 131 -2.14 -15.79 -4.82
C TRP B 131 -2.55 -14.95 -6.01
N TYR B 132 -3.06 -15.60 -7.06
CA TYR B 132 -3.29 -14.94 -8.34
C TYR B 132 -4.21 -13.74 -8.18
N PHE B 133 -5.23 -13.93 -7.41
CA PHE B 133 -6.24 -12.92 -7.15
C PHE B 133 -5.87 -11.82 -6.18
N GLN B 134 -4.76 -11.96 -5.45
CA GLN B 134 -4.40 -11.00 -4.39
C GLN B 134 -4.29 -9.51 -4.82
N ARG B 135 -3.56 -9.27 -5.93
CA ARG B 135 -3.34 -7.94 -6.55
C ARG B 135 -4.61 -7.32 -7.12
N TYR B 136 -5.60 -8.16 -7.44
CA TYR B 136 -6.90 -7.69 -7.89
C TYR B 136 -7.85 -7.40 -6.72
N VAL B 137 -7.76 -8.18 -5.63
CA VAL B 137 -8.52 -7.88 -4.42
C VAL B 137 -8.12 -6.52 -3.86
N ALA B 138 -6.87 -6.14 -4.06
CA ALA B 138 -6.32 -4.84 -3.59
C ALA B 138 -7.05 -3.62 -4.21
N THR B 139 -7.78 -3.87 -5.29
CA THR B 139 -8.43 -2.79 -6.06
C THR B 139 -9.91 -2.76 -5.83
N PHE B 140 -10.44 -3.66 -4.99
CA PHE B 140 -11.85 -3.84 -4.77
C PHE B 140 -12.49 -2.57 -4.22
N PRO B 141 -13.77 -2.32 -4.56
CA PRO B 141 -14.49 -1.10 -4.11
C PRO B 141 -14.74 -1.04 -2.61
N THR B 142 -14.69 0.19 -2.07
CA THR B 142 -15.27 0.53 -0.80
C THR B 142 -16.67 1.01 -1.13
N ALA B 143 -17.42 1.37 -0.08
CA ALA B 143 -18.81 1.79 -0.21
C ALA B 143 -19.03 2.83 -1.31
N GLY B 144 -20.04 2.57 -2.14
CA GLY B 144 -20.41 3.46 -3.22
C GLY B 144 -19.45 3.58 -4.38
N GLU B 145 -18.36 2.81 -4.33
CA GLU B 145 -17.42 2.83 -5.47
C GLU B 145 -17.86 1.98 -6.65
N PHE B 146 -17.59 2.54 -7.84
CA PHE B 146 -17.74 1.92 -9.13
C PHE B 146 -16.35 1.67 -9.71
N VAL B 147 -15.94 0.40 -9.81
CA VAL B 147 -14.60 0.06 -10.26
C VAL B 147 -14.64 -0.62 -11.63
N LEU B 148 -13.95 -0.03 -12.61
CA LEU B 148 -13.95 -0.55 -13.99
C LEU B 148 -12.56 -1.09 -14.30
N PHE B 149 -12.50 -2.26 -14.96
CA PHE B 149 -11.20 -2.94 -15.21
C PHE B 149 -10.85 -2.96 -16.67
N ASP B 150 -9.71 -2.37 -16.98
CA ASP B 150 -9.19 -2.33 -18.33
C ASP B 150 -8.73 -3.74 -18.75
N ARG B 151 -7.88 -4.32 -17.93
CA ARG B 151 -7.56 -5.74 -17.97
C ARG B 151 -7.91 -6.28 -16.58
N SER B 152 -8.41 -7.51 -16.49
CA SER B 152 -8.84 -8.04 -15.21
C SER B 152 -8.10 -9.36 -14.95
N TRP B 153 -8.61 -10.13 -13.99
CA TRP B 153 -8.05 -11.45 -13.69
C TRP B 153 -8.14 -12.43 -14.89
N TYR B 154 -9.01 -12.14 -15.84
CA TYR B 154 -9.16 -12.95 -17.06
C TYR B 154 -8.03 -12.92 -18.09
N ASN B 155 -7.00 -12.14 -17.85
CA ASN B 155 -5.71 -12.37 -18.55
C ASN B 155 -5.04 -13.76 -18.36
N ARG B 156 -5.49 -14.51 -17.35
CA ARG B 156 -5.09 -15.93 -17.16
C ARG B 156 -5.91 -16.90 -18.03
N ALA B 157 -7.03 -16.40 -18.58
CA ALA B 157 -7.95 -17.17 -19.44
C ALA B 157 -7.66 -16.96 -20.92
N GLY B 158 -6.71 -16.08 -21.22
CA GLY B 158 -6.51 -15.61 -22.59
C GLY B 158 -5.06 -15.42 -22.98
N VAL B 159 -4.54 -14.22 -22.72
CA VAL B 159 -3.19 -13.78 -23.15
C VAL B 159 -2.07 -14.64 -22.56
N GLU B 160 -2.18 -14.96 -21.28
CA GLU B 160 -1.17 -15.75 -20.55
C GLU B 160 -0.99 -17.18 -21.07
N PRO B 161 -2.09 -17.97 -21.19
CA PRO B 161 -1.94 -19.32 -21.78
C PRO B 161 -1.47 -19.29 -23.24
N VAL B 162 -2.16 -18.52 -24.09
CA VAL B 162 -1.80 -18.33 -25.51
C VAL B 162 -0.34 -17.92 -25.70
N MSE B 163 0.12 -16.94 -24.93
CA MSE B 163 1.49 -16.43 -25.06
C MSE B 163 2.55 -17.16 -24.20
O MSE B 163 3.74 -16.88 -24.29
CB MSE B 163 1.53 -14.92 -24.77
CG MSE B 163 0.65 -14.04 -25.67
SE MSE B 163 0.97 -14.24 -27.61
CE MSE B 163 2.86 -13.66 -27.69
N GLY B 164 2.09 -18.12 -23.38
CA GLY B 164 2.95 -18.88 -22.49
C GLY B 164 3.47 -18.09 -21.29
N PHE B 165 2.69 -17.12 -20.81
CA PHE B 165 3.06 -16.32 -19.63
C PHE B 165 2.67 -17.00 -18.32
N CYS B 166 1.73 -17.93 -18.41
CA CYS B 166 1.33 -18.81 -17.30
C CYS B 166 1.44 -20.25 -17.79
N THR B 167 1.39 -21.22 -16.88
CA THR B 167 1.52 -22.63 -17.26
C THR B 167 0.15 -23.29 -17.60
N PRO B 168 0.15 -24.41 -18.34
CA PRO B 168 -1.14 -25.11 -18.54
C PRO B 168 -1.89 -25.37 -17.22
N ASP B 169 -1.15 -25.79 -16.19
CA ASP B 169 -1.66 -25.98 -14.84
C ASP B 169 -2.24 -24.70 -14.22
N GLN B 170 -1.56 -23.58 -14.42
CA GLN B 170 -2.02 -22.31 -13.88
C GLN B 170 -3.30 -21.85 -14.58
N TYR B 171 -3.32 -21.94 -15.92
CA TYR B 171 -4.53 -21.63 -16.68
C TYR B 171 -5.77 -22.47 -16.29
N GLU B 172 -5.56 -23.78 -16.15
CA GLU B 172 -6.55 -24.73 -15.64
C GLU B 172 -7.03 -24.38 -14.21
N GLN B 173 -6.05 -23.99 -13.37
CA GLN B 173 -6.25 -23.59 -12.00
C GLN B 173 -7.19 -22.40 -12.00
N PHE B 174 -6.89 -21.45 -12.89
CA PHE B 174 -7.65 -20.23 -13.02
C PHE B 174 -9.14 -20.44 -13.38
N LEU B 175 -9.42 -21.28 -14.36
CA LEU B 175 -10.80 -21.53 -14.73
C LEU B 175 -11.61 -22.12 -13.57
N LYS B 176 -10.92 -22.83 -12.68
CA LYS B 176 -11.53 -23.46 -11.50
C LYS B 176 -11.80 -22.48 -10.38
N GLU B 177 -10.85 -21.59 -10.15
CA GLU B 177 -10.91 -20.65 -9.05
C GLU B 177 -11.77 -19.41 -9.31
N ALA B 178 -11.72 -18.89 -10.55
CA ALA B 178 -12.43 -17.66 -10.91
C ALA B 178 -13.92 -17.66 -10.48
N PRO B 179 -14.71 -18.72 -10.86
CA PRO B 179 -16.06 -18.89 -10.31
C PRO B 179 -16.17 -18.80 -8.77
N ARG B 180 -15.25 -19.42 -8.02
CA ARG B 180 -15.24 -19.33 -6.56
C ARG B 180 -15.03 -17.88 -6.04
N PHE B 181 -14.02 -17.21 -6.59
CA PHE B 181 -13.72 -15.81 -6.37
C PHE B 181 -14.93 -14.91 -6.56
N GLU B 182 -15.61 -15.12 -7.69
CA GLU B 182 -16.78 -14.35 -8.11
C GLU B 182 -18.00 -14.64 -7.25
N GLU B 183 -17.99 -15.81 -6.60
CA GLU B 183 -19.03 -16.19 -5.67
C GLU B 183 -18.86 -15.40 -4.38
N MSE B 184 -17.64 -15.32 -3.88
CA MSE B 184 -17.33 -14.44 -2.78
C MSE B 184 -17.71 -12.98 -3.04
O MSE B 184 -18.22 -12.32 -2.14
CB MSE B 184 -15.84 -14.56 -2.38
CG MSE B 184 -15.47 -15.99 -1.95
SE MSE B 184 -13.98 -16.09 -0.67
CE MSE B 184 -14.93 -15.57 1.00
N ILE B 185 -17.43 -12.46 -4.24
CA ILE B 185 -17.80 -11.07 -4.63
C ILE B 185 -19.30 -10.93 -4.58
N ALA B 186 -20.03 -11.84 -5.23
CA ALA B 186 -21.48 -11.80 -5.18
C ALA B 186 -22.00 -11.94 -3.75
N ASN B 187 -21.47 -12.89 -2.98
CA ASN B 187 -21.92 -13.07 -1.57
C ASN B 187 -21.73 -11.83 -0.74
N GLU B 188 -20.78 -11.01 -1.12
CA GLU B 188 -20.45 -9.80 -0.40
C GLU B 188 -21.42 -8.65 -0.72
N GLY B 189 -22.20 -8.76 -1.80
CA GLY B 189 -23.11 -7.67 -2.16
C GLY B 189 -22.53 -6.70 -3.21
N ILE B 190 -21.38 -7.03 -3.76
CA ILE B 190 -20.79 -6.22 -4.84
C ILE B 190 -21.36 -6.73 -6.18
N HIS B 191 -21.82 -5.80 -7.02
CA HIS B 191 -22.40 -6.15 -8.28
C HIS B 191 -21.31 -6.21 -9.37
N LEU B 192 -21.04 -7.42 -9.87
CA LEU B 192 -20.03 -7.61 -10.93
C LEU B 192 -20.67 -7.78 -12.30
N PHE B 193 -20.33 -6.90 -13.24
CA PHE B 193 -20.62 -7.04 -14.66
C PHE B 193 -19.37 -7.53 -15.34
N LYS B 194 -19.50 -8.51 -16.26
CA LYS B 194 -18.40 -8.96 -17.08
C LYS B 194 -18.81 -8.83 -18.54
N PHE B 195 -18.10 -8.01 -19.32
CA PHE B 195 -18.39 -7.84 -20.72
C PHE B 195 -17.28 -8.43 -21.62
N TRP B 196 -17.67 -9.35 -22.52
CA TRP B 196 -16.79 -9.79 -23.60
C TRP B 196 -17.15 -8.99 -24.86
N ILE B 197 -16.22 -8.22 -25.40
CA ILE B 197 -16.46 -7.44 -26.61
C ILE B 197 -15.83 -8.12 -27.86
N ASN B 198 -16.72 -8.60 -28.74
CA ASN B 198 -16.36 -9.35 -29.92
C ASN B 198 -16.20 -8.38 -31.09
N ILE B 199 -15.26 -8.66 -31.96
CA ILE B 199 -15.17 -8.01 -33.26
C ILE B 199 -14.88 -9.08 -34.28
N GLY B 200 -15.25 -8.86 -35.53
CA GLY B 200 -14.80 -9.72 -36.64
C GLY B 200 -13.30 -9.66 -36.94
N ARG B 201 -12.76 -10.70 -37.57
CA ARG B 201 -11.33 -10.72 -37.87
C ARG B 201 -10.87 -9.51 -38.70
N GLU B 202 -11.61 -9.23 -39.76
CA GLU B 202 -11.32 -8.09 -40.63
C GLU B 202 -11.28 -6.78 -39.90
N MSE B 203 -12.26 -6.61 -38.98
CA MSE B 203 -12.37 -5.47 -38.11
C MSE B 203 -11.12 -5.30 -37.26
O MSE B 203 -10.60 -4.19 -37.18
CB MSE B 203 -13.65 -5.52 -37.25
CG MSE B 203 -13.88 -4.27 -36.35
SE MSE B 203 -13.84 -2.61 -37.47
CE MSE B 203 -15.68 -2.53 -38.13
N GLN B 204 -10.62 -6.37 -36.65
CA GLN B 204 -9.40 -6.25 -35.86
C GLN B 204 -8.24 -5.69 -36.67
N LEU B 205 -8.12 -6.19 -37.90
CA LEU B 205 -7.01 -5.85 -38.77
C LEU B 205 -7.09 -4.39 -39.16
N LYS B 206 -8.32 -3.90 -39.36
CA LYS B 206 -8.56 -2.53 -39.75
C LYS B 206 -8.14 -1.58 -38.63
N ARG B 207 -8.50 -1.94 -37.41
CA ARG B 207 -8.21 -1.15 -36.24
C ARG B 207 -6.72 -1.20 -35.88
N PHE B 208 -6.08 -2.35 -36.13
CA PHE B 208 -4.61 -2.44 -36.05
C PHE B 208 -3.94 -1.47 -37.02
N HIS B 209 -4.45 -1.40 -38.23
CA HIS B 209 -3.94 -0.51 -39.25
C HIS B 209 -4.16 0.97 -38.93
N ASP B 210 -5.39 1.31 -38.51
CA ASP B 210 -5.74 2.60 -37.91
C ASP B 210 -4.70 3.00 -36.88
N ARG B 211 -4.48 2.13 -35.89
CA ARG B 211 -3.46 2.38 -34.86
C ARG B 211 -2.07 2.66 -35.39
N ARG B 212 -1.57 1.79 -36.28
CA ARG B 212 -0.25 1.94 -36.87
C ARG B 212 -0.10 3.32 -37.51
N HIS B 213 -1.10 3.72 -38.29
CA HIS B 213 -0.99 4.94 -39.08
C HIS B 213 -1.56 6.22 -38.44
N ASP B 214 -2.04 6.13 -37.21
CA ASP B 214 -2.43 7.31 -36.45
C ASP B 214 -1.37 7.58 -35.39
N PRO B 215 -0.62 8.69 -35.55
CA PRO B 215 0.41 9.11 -34.59
C PRO B 215 -0.09 9.32 -33.15
N LEU B 216 -1.39 9.59 -32.98
CA LEU B 216 -2.00 9.62 -31.65
C LEU B 216 -2.15 8.23 -31.02
N LYS B 217 -2.18 7.21 -31.88
CA LYS B 217 -2.56 5.86 -31.47
C LYS B 217 -1.50 4.78 -31.57
N ILE B 218 -0.36 5.11 -32.18
CA ILE B 218 0.66 4.10 -32.54
C ILE B 218 1.24 3.32 -31.35
N TRP B 219 1.31 3.96 -30.19
CA TRP B 219 1.76 3.29 -28.96
C TRP B 219 0.86 2.13 -28.55
N LYS B 220 -0.41 2.11 -28.98
CA LYS B 220 -1.32 1.03 -28.60
C LYS B 220 -0.92 -0.29 -29.28
N LEU B 221 -0.19 -0.17 -30.38
CA LEU B 221 0.32 -1.32 -31.13
C LEU B 221 1.67 -1.82 -30.60
N SER B 222 1.83 -3.13 -30.42
CA SER B 222 3.15 -3.68 -30.13
C SER B 222 3.54 -4.82 -31.09
N PRO B 223 4.87 -5.01 -31.37
CA PRO B 223 5.38 -6.19 -32.10
C PRO B 223 4.71 -7.52 -31.70
N MSE B 224 4.42 -7.67 -30.41
CA MSE B 224 3.73 -8.83 -29.87
C MSE B 224 2.33 -8.98 -30.49
O MSE B 224 1.96 -10.06 -30.98
CB MSE B 224 3.67 -8.68 -28.35
CG MSE B 224 3.09 -9.85 -27.56
SE MSE B 224 2.58 -9.32 -25.74
CE MSE B 224 4.34 -8.74 -25.06
N ASP B 225 1.55 -7.89 -30.47
CA ASP B 225 0.22 -7.82 -31.08
C ASP B 225 0.19 -8.16 -32.58
N ILE B 226 1.15 -7.66 -33.36
CA ILE B 226 1.22 -8.01 -34.77
C ILE B 226 1.46 -9.51 -34.96
N ALA B 227 2.54 -10.04 -34.36
CA ALA B 227 2.78 -11.49 -34.37
C ALA B 227 1.56 -12.34 -33.99
N ALA B 228 0.81 -11.96 -32.95
CA ALA B 228 -0.36 -12.71 -32.50
C ALA B 228 -1.61 -12.66 -33.42
N LEU B 229 -1.51 -11.96 -34.55
CA LEU B 229 -2.57 -11.93 -35.58
C LEU B 229 -2.79 -13.31 -36.26
N SER B 230 -1.76 -14.15 -36.27
CA SER B 230 -1.84 -15.56 -36.70
C SER B 230 -2.54 -16.46 -35.67
N LYS B 231 -2.59 -15.97 -34.43
CA LYS B 231 -3.04 -16.78 -33.32
C LYS B 231 -4.53 -16.55 -33.05
N TRP B 232 -5.24 -16.09 -34.08
CA TRP B 232 -6.67 -15.81 -34.01
C TRP B 232 -7.48 -17.01 -33.49
N ASP B 233 -7.39 -18.14 -34.17
CA ASP B 233 -8.08 -19.39 -33.80
C ASP B 233 -7.72 -19.88 -32.38
N ASP B 234 -6.47 -19.64 -32.01
CA ASP B 234 -5.95 -19.95 -30.70
C ASP B 234 -6.83 -19.22 -29.66
N TYR B 235 -6.89 -17.89 -29.77
CA TYR B 235 -7.73 -17.01 -28.95
C TYR B 235 -9.23 -17.31 -29.03
N THR B 236 -9.71 -17.83 -30.16
CA THR B 236 -11.12 -18.20 -30.31
C THR B 236 -11.43 -19.33 -29.37
N GLY B 237 -10.58 -20.36 -29.42
CA GLY B 237 -10.64 -21.47 -28.49
C GLY B 237 -10.62 -21.05 -27.03
N LYS B 238 -9.71 -20.15 -26.65
CA LYS B 238 -9.62 -19.69 -25.24
C LYS B 238 -10.85 -18.90 -24.82
N ARG B 239 -11.40 -18.11 -25.74
CA ARG B 239 -12.61 -17.32 -25.50
C ARG B 239 -13.80 -18.20 -25.15
N ASP B 240 -14.01 -19.23 -25.99
CA ASP B 240 -15.13 -20.13 -25.89
C ASP B 240 -15.06 -21.01 -24.65
N ARG B 241 -13.84 -21.40 -24.31
CA ARG B 241 -13.59 -22.22 -23.16
C ARG B 241 -13.74 -21.41 -21.86
N MSE B 242 -13.31 -20.14 -21.89
CA MSE B 242 -13.44 -19.26 -20.72
C MSE B 242 -14.91 -18.90 -20.46
O MSE B 242 -15.36 -18.94 -19.31
CB MSE B 242 -12.56 -17.99 -20.86
CG MSE B 242 -12.95 -16.83 -19.89
SE MSE B 242 -13.18 -15.14 -20.84
CE MSE B 242 -11.38 -14.45 -20.81
N LEU B 243 -15.65 -18.55 -21.50
CA LEU B 243 -17.08 -18.28 -21.39
C LEU B 243 -17.86 -19.52 -20.91
N LYS B 244 -17.43 -20.69 -21.35
CA LYS B 244 -18.01 -21.95 -20.89
C LYS B 244 -17.86 -22.18 -19.38
N GLU B 245 -16.63 -22.08 -18.88
CA GLU B 245 -16.33 -22.46 -17.48
C GLU B 245 -16.58 -21.37 -16.44
N THR B 246 -16.61 -20.11 -16.88
CA THR B 246 -16.72 -19.00 -15.93
C THR B 246 -18.02 -18.19 -16.05
N HIS B 247 -18.92 -18.65 -16.92
CA HIS B 247 -20.24 -18.04 -17.00
C HIS B 247 -21.09 -18.82 -16.03
N THR B 248 -21.35 -18.21 -14.88
CA THR B 248 -22.16 -18.80 -13.83
C THR B 248 -23.26 -17.84 -13.45
N GLU B 249 -24.15 -18.23 -12.54
CA GLU B 249 -25.23 -17.35 -12.06
C GLU B 249 -24.72 -16.12 -11.26
N HIS B 250 -23.71 -16.33 -10.42
CA HIS B 250 -23.09 -15.27 -9.63
C HIS B 250 -22.10 -14.45 -10.48
N GLY B 251 -21.66 -15.00 -11.62
CA GLY B 251 -20.83 -14.27 -12.56
C GLY B 251 -21.22 -14.48 -14.03
N PRO B 252 -22.34 -13.85 -14.48
CA PRO B 252 -22.66 -13.98 -15.89
C PRO B 252 -21.75 -13.12 -16.77
N TRP B 253 -21.47 -13.62 -17.97
CA TRP B 253 -20.81 -12.93 -19.04
C TRP B 253 -21.84 -12.33 -19.95
N ALA B 254 -21.76 -11.02 -20.17
CA ALA B 254 -22.50 -10.38 -21.24
C ALA B 254 -21.59 -10.29 -22.48
N VAL B 255 -22.09 -10.68 -23.62
CA VAL B 255 -21.27 -10.78 -24.82
C VAL B 255 -21.79 -9.73 -25.81
N ILE B 256 -20.88 -8.88 -26.28
CA ILE B 256 -21.22 -7.74 -27.13
C ILE B 256 -20.61 -7.92 -28.55
N ARG B 257 -21.42 -7.74 -29.60
CA ARG B 257 -20.89 -7.66 -30.97
C ARG B 257 -20.43 -6.22 -31.13
N GLY B 258 -19.11 -6.02 -31.14
CA GLY B 258 -18.51 -4.71 -31.06
C GLY B 258 -17.97 -4.08 -32.32
N ASN B 259 -18.24 -4.64 -33.50
CA ASN B 259 -17.85 -4.00 -34.76
C ASN B 259 -18.15 -2.52 -34.87
N ASP B 260 -19.36 -2.12 -34.45
CA ASP B 260 -19.71 -0.72 -34.28
C ASP B 260 -19.48 -0.36 -32.79
N LYS B 261 -18.49 0.50 -32.55
CA LYS B 261 -18.12 1.05 -31.26
C LYS B 261 -19.22 1.88 -30.58
N ARG B 262 -20.01 2.59 -31.38
CA ARG B 262 -21.15 3.34 -30.87
C ARG B 262 -22.24 2.43 -30.34
N ARG B 263 -22.60 1.38 -31.10
CA ARG B 263 -23.62 0.44 -30.64
C ARG B 263 -23.18 -0.39 -29.45
N SER B 264 -21.92 -0.80 -29.45
CA SER B 264 -21.32 -1.48 -28.32
C SER B 264 -21.38 -0.64 -27.01
N ARG B 265 -20.87 0.59 -27.04
CA ARG B 265 -20.90 1.48 -25.88
C ARG B 265 -22.31 1.72 -25.32
N ILE B 266 -23.26 2.01 -26.22
CA ILE B 266 -24.64 2.24 -25.85
C ILE B 266 -25.28 1.03 -25.15
N ASN B 267 -25.07 -0.17 -25.70
CA ASN B 267 -25.70 -1.37 -25.15
C ASN B 267 -25.02 -1.95 -23.91
N VAL B 268 -23.72 -1.72 -23.79
CA VAL B 268 -22.96 -1.96 -22.54
C VAL B 268 -23.60 -1.12 -21.42
N ILE B 269 -23.82 0.15 -21.72
CA ILE B 269 -24.37 1.02 -20.71
C ILE B 269 -25.84 0.68 -20.37
N ARG B 270 -26.64 0.41 -21.38
CA ARG B 270 -28.04 0.00 -21.16
C ARG B 270 -28.15 -1.26 -20.31
N HIS B 271 -27.27 -2.24 -20.55
CA HIS B 271 -27.34 -3.47 -19.77
C HIS B 271 -27.11 -3.19 -18.27
N MSE B 272 -26.13 -2.35 -17.96
CA MSE B 272 -25.80 -1.95 -16.61
C MSE B 272 -26.95 -1.20 -15.93
O MSE B 272 -27.42 -1.62 -14.89
CB MSE B 272 -24.50 -1.14 -16.63
CG MSE B 272 -23.27 -2.04 -16.83
SE MSE B 272 -21.56 -1.21 -16.42
CE MSE B 272 -21.67 0.30 -17.63
N LEU B 273 -27.41 -0.13 -16.55
CA LEU B 273 -28.65 0.54 -16.14
C LEU B 273 -29.81 -0.43 -15.91
N THR B 274 -30.03 -1.34 -16.88
CA THR B 274 -31.14 -2.29 -16.81
C THR B 274 -31.03 -3.18 -15.57
N LYS B 275 -29.80 -3.54 -15.21
CA LYS B 275 -29.56 -4.47 -14.09
C LYS B 275 -29.46 -3.80 -12.76
N LEU B 276 -29.19 -2.50 -12.74
CA LEU B 276 -29.14 -1.79 -11.43
C LEU B 276 -30.50 -1.18 -11.09
N ASP B 277 -31.03 -1.53 -9.91
CA ASP B 277 -32.30 -1.04 -9.46
C ASP B 277 -32.08 0.25 -8.69
N TYR B 278 -31.59 1.27 -9.41
CA TYR B 278 -31.19 2.55 -8.80
C TYR B 278 -32.35 3.52 -8.67
N ASP B 279 -32.20 4.42 -7.73
CA ASP B 279 -33.23 5.37 -7.46
C ASP B 279 -33.20 6.46 -8.54
N GLY B 280 -34.38 6.78 -9.10
CA GLY B 280 -34.56 7.82 -10.12
C GLY B 280 -34.60 7.24 -11.54
N LYS B 281 -34.57 5.92 -11.61
CA LYS B 281 -34.52 5.17 -12.86
C LYS B 281 -35.60 5.54 -13.90
N ASP B 282 -35.15 6.10 -15.03
CA ASP B 282 -36.04 6.48 -16.11
C ASP B 282 -35.86 5.45 -17.26
N GLU B 283 -36.69 4.41 -17.21
CA GLU B 283 -36.61 3.25 -18.09
C GLU B 283 -36.80 3.65 -19.55
N ALA B 284 -37.47 4.79 -19.75
CA ALA B 284 -37.72 5.34 -21.07
C ALA B 284 -36.45 5.98 -21.64
N ALA B 285 -35.70 6.66 -20.76
CA ALA B 285 -34.40 7.25 -21.09
C ALA B 285 -33.32 6.20 -21.36
N ILE B 286 -33.47 5.03 -20.75
CA ILE B 286 -32.51 3.93 -20.91
C ILE B 286 -32.65 3.40 -22.34
N GLY B 287 -33.88 3.16 -22.76
CA GLY B 287 -34.17 2.59 -24.06
C GLY B 287 -34.12 1.09 -23.93
N GLU B 288 -34.12 0.38 -25.05
CA GLU B 288 -34.04 -1.09 -25.00
C GLU B 288 -32.65 -1.60 -25.36
N VAL B 289 -32.14 -2.54 -24.56
CA VAL B 289 -30.92 -3.29 -24.93
C VAL B 289 -31.19 -4.01 -26.25
N ASP B 290 -30.35 -3.74 -27.23
CA ASP B 290 -30.41 -4.36 -28.54
C ASP B 290 -29.89 -5.82 -28.53
N GLU B 291 -30.82 -6.77 -28.63
CA GLU B 291 -30.53 -8.21 -28.53
C GLU B 291 -29.75 -8.74 -29.73
N LYS B 292 -29.72 -7.95 -30.80
CA LYS B 292 -28.82 -8.24 -31.92
C LYS B 292 -27.34 -7.96 -31.59
N ILE B 293 -27.12 -7.19 -30.53
CA ILE B 293 -25.78 -6.72 -30.13
C ILE B 293 -25.33 -7.34 -28.80
N LEU B 294 -26.20 -7.35 -27.79
CA LEU B 294 -25.86 -7.96 -26.51
C LEU B 294 -26.58 -9.29 -26.29
N GLY B 295 -25.81 -10.34 -26.04
CA GLY B 295 -26.32 -11.65 -25.68
C GLY B 295 -25.59 -12.09 -24.42
N SER B 296 -25.74 -13.35 -24.04
CA SER B 296 -25.11 -13.79 -22.79
C SER B 296 -24.42 -15.16 -22.84
N GLY B 297 -23.32 -15.27 -22.08
CA GLY B 297 -22.56 -16.50 -21.94
C GLY B 297 -22.15 -17.25 -23.20
N PRO B 298 -21.94 -18.58 -23.07
CA PRO B 298 -21.55 -19.39 -24.25
C PRO B 298 -22.71 -19.62 -25.25
N GLY B 299 -22.37 -19.83 -26.51
CA GLY B 299 -23.38 -20.08 -27.53
C GLY B 299 -23.89 -18.86 -28.28
N PHE B 300 -23.80 -17.67 -27.65
CA PHE B 300 -24.25 -16.42 -28.31
C PHE B 300 -23.61 -16.20 -29.66
N LEU B 301 -22.29 -16.12 -29.67
CA LEU B 301 -21.47 -15.98 -30.87
C LEU B 301 -21.43 -17.32 -31.61
N ALA C 18 39.23 -20.86 4.14
CA ALA C 18 39.79 -19.82 5.13
C ALA C 18 40.18 -18.50 4.44
N VAL C 19 40.12 -17.41 5.19
CA VAL C 19 40.40 -16.06 4.67
C VAL C 19 41.78 -15.52 5.10
N GLU C 20 42.58 -15.09 4.11
CA GLU C 20 43.84 -14.36 4.34
C GLU C 20 43.55 -12.91 4.72
N LEU C 21 44.05 -12.49 5.88
CA LEU C 21 43.75 -11.14 6.39
C LEU C 21 45.00 -10.33 6.73
N GLU C 22 44.78 -9.15 7.31
CA GLU C 22 45.84 -8.24 7.73
C GLU C 22 45.31 -7.39 8.87
N ILE C 23 45.39 -7.93 10.09
CA ILE C 23 44.92 -7.25 11.31
C ILE C 23 46.02 -6.38 11.92
N ASP C 24 45.85 -5.06 11.77
CA ASP C 24 46.75 -4.03 12.31
C ASP C 24 48.19 -4.43 12.11
N GLY C 25 48.58 -4.58 10.85
CA GLY C 25 49.96 -4.84 10.46
C GLY C 25 50.38 -6.30 10.34
N ARG C 26 49.57 -7.21 10.87
CA ARG C 26 49.93 -8.64 10.87
C ARG C 26 49.01 -9.53 10.04
N SER C 27 49.64 -10.31 9.15
CA SER C 27 48.95 -11.24 8.25
C SER C 27 48.47 -12.49 9.00
N ARG C 28 47.08 -12.68 8.94
CA ARG C 28 46.51 -13.80 9.73
C ARG C 28 45.59 -14.73 8.87
N ILE C 29 45.45 -16.03 9.52
CA ILE C 29 44.67 -17.08 8.81
C ILE C 29 43.38 -17.49 9.56
N PHE C 30 42.23 -17.20 8.96
CA PHE C 30 40.92 -17.43 9.62
C PHE C 30 40.00 -18.41 8.89
N ASP C 31 39.85 -19.62 9.45
CA ASP C 31 38.85 -20.57 8.94
C ASP C 31 37.53 -20.54 9.76
N ILE C 32 36.45 -20.12 9.12
CA ILE C 32 35.14 -19.96 9.78
C ILE C 32 34.45 -21.31 9.98
N ASP C 33 34.69 -22.25 9.06
CA ASP C 33 34.17 -23.61 9.12
C ASP C 33 34.92 -24.44 10.19
N ASP C 34 36.00 -23.88 10.71
CA ASP C 34 36.77 -24.51 11.78
C ASP C 34 36.00 -24.35 13.09
N PRO C 35 35.57 -25.46 13.71
CA PRO C 35 34.75 -25.34 14.93
C PRO C 35 35.58 -24.82 16.11
N ASP C 36 36.89 -24.72 15.88
CA ASP C 36 37.83 -24.18 16.86
C ASP C 36 38.17 -22.74 16.52
N LEU C 37 37.99 -21.87 17.51
CA LEU C 37 38.37 -20.48 17.37
C LEU C 37 39.85 -20.36 17.74
N PRO C 38 40.67 -19.84 16.82
CA PRO C 38 42.11 -19.73 17.05
C PRO C 38 42.41 -18.58 18.02
N LYS C 39 43.54 -18.73 18.72
CA LYS C 39 43.93 -17.93 19.88
C LYS C 39 43.87 -16.41 19.71
N TRP C 40 44.25 -15.93 18.51
CA TRP C 40 44.37 -14.51 18.25
C TRP C 40 43.02 -13.84 18.01
N ILE C 41 41.98 -14.64 17.83
CA ILE C 41 40.61 -14.12 17.81
C ILE C 41 40.04 -14.19 19.23
N ASP C 42 39.99 -15.41 19.79
CA ASP C 42 39.39 -15.66 21.11
C ASP C 42 39.87 -14.68 22.17
N GLU C 43 41.19 -14.59 22.34
CA GLU C 43 41.82 -13.80 23.41
C GLU C 43 41.84 -12.29 23.11
N GLU C 44 41.75 -11.94 21.82
CA GLU C 44 41.80 -10.53 21.39
C GLU C 44 40.44 -9.82 21.26
N ALA C 45 39.38 -10.59 20.98
CA ALA C 45 38.08 -10.03 20.57
C ALA C 45 37.52 -8.94 21.48
N PHE C 46 37.50 -9.20 22.79
CA PHE C 46 36.93 -8.24 23.73
C PHE C 46 37.64 -6.91 23.84
N ARG C 47 38.98 -6.94 23.80
CA ARG C 47 39.79 -5.75 24.00
C ARG C 47 40.02 -5.00 22.69
N SER C 48 39.74 -5.68 21.59
CA SER C 48 39.95 -5.17 20.24
C SER C 48 39.42 -3.75 20.04
N ASP C 49 40.15 -2.98 19.23
CA ASP C 49 39.78 -1.61 18.87
C ASP C 49 39.78 -0.70 20.10
N ASP C 50 40.73 -0.94 21.00
CA ASP C 50 40.89 -0.15 22.23
C ASP C 50 39.59 -0.05 23.01
N TYR C 51 38.97 -1.21 23.29
CA TYR C 51 37.81 -1.25 24.15
C TYR C 51 38.22 -0.83 25.57
N PRO C 52 37.48 0.13 26.16
CA PRO C 52 37.79 0.74 27.48
C PRO C 52 37.73 -0.15 28.73
N TYR C 53 37.15 -1.35 28.60
CA TYR C 53 36.96 -2.21 29.76
C TYR C 53 37.58 -3.58 29.52
N LYS C 54 38.02 -4.22 30.60
CA LYS C 54 38.76 -5.46 30.50
C LYS C 54 37.87 -6.70 30.49
N LYS C 55 36.71 -6.62 31.14
CA LYS C 55 35.72 -7.72 31.05
C LYS C 55 34.24 -7.27 30.93
N LYS C 56 33.38 -8.23 30.64
CA LYS C 56 31.95 -7.99 30.50
C LYS C 56 31.32 -7.37 31.75
N LEU C 57 30.20 -6.69 31.55
CA LEU C 57 29.39 -6.16 32.63
C LEU C 57 28.82 -7.33 33.40
N ASP C 58 28.93 -7.29 34.74
CA ASP C 58 28.23 -8.25 35.58
C ASP C 58 26.79 -8.38 35.09
N ARG C 59 26.35 -9.63 34.96
CA ARG C 59 25.06 -9.92 34.36
C ARG C 59 23.89 -9.54 35.25
N GLU C 60 23.91 -9.93 36.52
CA GLU C 60 22.84 -9.56 37.47
C GLU C 60 22.60 -8.06 37.47
N GLU C 61 23.73 -7.33 37.47
CA GLU C 61 23.77 -5.87 37.46
C GLU C 61 23.29 -5.30 36.12
N TYR C 62 23.59 -5.99 35.02
CA TYR C 62 23.09 -5.60 33.70
C TYR C 62 21.57 -5.83 33.60
N GLU C 63 21.13 -6.99 34.07
CA GLU C 63 19.72 -7.35 33.98
C GLU C 63 18.86 -6.44 34.83
N GLU C 64 19.31 -6.12 36.04
CA GLU C 64 18.53 -5.23 36.90
C GLU C 64 18.51 -3.77 36.39
N THR C 65 19.58 -3.37 35.70
CA THR C 65 19.61 -2.06 35.04
C THR C 65 18.63 -2.05 33.86
N LEU C 66 18.68 -3.09 33.03
CA LEU C 66 17.80 -3.15 31.85
C LEU C 66 16.30 -3.08 32.23
N THR C 67 15.90 -3.87 33.23
CA THR C 67 14.52 -3.85 33.73
C THR C 67 14.09 -2.41 34.08
N LYS C 68 14.94 -1.70 34.79
CA LYS C 68 14.71 -0.31 35.16
C LYS C 68 14.56 0.61 33.95
N LEU C 69 15.42 0.39 32.96
CA LEU C 69 15.39 1.13 31.71
C LEU C 69 14.12 0.82 30.96
N GLN C 70 13.71 -0.45 30.97
CA GLN C 70 12.47 -0.89 30.34
C GLN C 70 11.21 -0.28 31.00
N ILE C 71 11.18 -0.25 32.33
CA ILE C 71 10.05 0.31 33.06
C ILE C 71 9.91 1.79 32.66
N GLU C 72 11.05 2.48 32.54
CA GLU C 72 11.11 3.80 31.92
C GLU C 72 10.52 3.87 30.50
N LEU C 73 10.83 2.88 29.65
CA LEU C 73 10.37 2.86 28.24
C LEU C 73 8.87 2.62 28.09
N VAL C 74 8.29 1.97 29.10
CA VAL C 74 6.84 1.90 29.22
C VAL C 74 6.28 3.29 29.52
N LYS C 75 6.91 4.03 30.44
CA LYS C 75 6.52 5.44 30.72
C LYS C 75 6.56 6.28 29.44
N VAL C 76 7.59 6.07 28.66
CA VAL C 76 7.79 6.76 27.38
C VAL C 76 6.62 6.52 26.45
N GLN C 77 6.21 5.27 26.32
CA GLN C 77 5.19 4.89 25.34
C GLN C 77 3.81 5.37 25.77
N PHE C 78 3.52 5.38 27.07
CA PHE C 78 2.28 5.98 27.59
C PHE C 78 2.25 7.49 27.31
N TRP C 79 3.40 8.14 27.46
CA TRP C 79 3.56 9.56 27.15
C TRP C 79 3.48 9.82 25.66
N MSE C 80 3.93 8.86 24.86
CA MSE C 80 3.92 8.99 23.39
C MSE C 80 2.52 8.93 22.86
O MSE C 80 2.21 9.58 21.88
CB MSE C 80 4.79 7.92 22.72
CG MSE C 80 6.21 8.38 22.60
SE MSE C 80 7.45 7.14 21.86
CE MSE C 80 7.06 7.45 19.99
N GLN C 81 1.69 8.15 23.53
CA GLN C 81 0.31 7.89 23.12
C GLN C 81 -0.58 9.07 23.45
N ALA C 82 -0.19 9.85 24.45
CA ALA C 82 -0.96 11.01 24.91
C ALA C 82 -0.62 12.26 24.09
N THR C 83 0.67 12.54 23.98
CA THR C 83 1.17 13.71 23.26
C THR C 83 1.16 13.51 21.72
N GLY C 84 0.97 12.25 21.29
CA GLY C 84 1.11 11.86 19.88
C GLY C 84 2.55 11.89 19.36
N LYS C 85 3.51 12.04 20.28
CA LYS C 85 4.95 12.16 19.96
C LYS C 85 5.45 10.97 19.16
N ARG C 86 6.18 11.27 18.09
CA ARG C 86 6.69 10.25 17.21
C ARG C 86 8.20 10.17 17.34
N VAL C 87 8.72 8.94 17.38
CA VAL C 87 10.15 8.69 17.51
C VAL C 87 10.59 7.70 16.44
N MSE C 88 11.76 7.93 15.89
CA MSE C 88 12.32 7.04 14.89
C MSE C 88 13.73 6.68 15.34
O MSE C 88 14.45 7.55 15.81
CB MSE C 88 12.38 7.73 13.56
CG MSE C 88 11.78 6.98 12.42
SE MSE C 88 11.16 8.22 11.04
CE MSE C 88 11.66 7.13 9.51
N ALA C 89 14.10 5.42 15.21
CA ALA C 89 15.40 4.97 15.70
C ALA C 89 16.17 4.13 14.68
N VAL C 90 17.29 4.66 14.22
CA VAL C 90 18.14 4.01 13.24
C VAL C 90 19.31 3.29 13.95
N PHE C 91 19.66 2.10 13.45
CA PHE C 91 20.79 1.37 13.99
C PHE C 91 21.62 0.93 12.83
N GLU C 92 22.85 1.43 12.79
CA GLU C 92 23.81 1.01 11.80
C GLU C 92 25.11 0.53 12.46
N GLY C 93 25.97 -0.11 11.70
CA GLY C 93 27.17 -0.72 12.25
C GLY C 93 27.69 -1.71 11.24
N ARG C 94 28.81 -2.33 11.57
CA ARG C 94 29.36 -3.38 10.75
C ARG C 94 28.51 -4.64 10.92
N ASP C 95 28.68 -5.61 10.03
CA ASP C 95 28.09 -6.93 10.22
C ASP C 95 28.42 -7.44 11.62
N ALA C 96 27.38 -7.91 12.31
CA ALA C 96 27.43 -8.45 13.67
C ALA C 96 27.75 -7.44 14.78
N ALA C 97 27.58 -6.15 14.50
CA ALA C 97 27.87 -5.12 15.48
C ALA C 97 26.90 -5.19 16.65
N GLY C 98 25.71 -5.72 16.39
CA GLY C 98 24.69 -5.97 17.40
C GLY C 98 23.55 -4.97 17.33
N LYS C 99 23.12 -4.65 16.12
CA LYS C 99 21.94 -3.80 15.92
C LYS C 99 20.66 -4.44 16.48
N GLY C 100 20.44 -5.72 16.14
CA GLY C 100 19.23 -6.46 16.50
C GLY C 100 19.00 -6.67 17.99
N GLY C 101 20.11 -6.84 18.72
CA GLY C 101 20.02 -7.05 20.16
C GLY C 101 19.80 -5.73 20.90
N ALA C 102 20.32 -4.63 20.34
CA ALA C 102 19.97 -3.28 20.80
C ALA C 102 18.49 -2.95 20.51
N ILE C 103 18.01 -3.35 19.33
CA ILE C 103 16.60 -3.24 19.00
C ILE C 103 15.67 -4.10 19.90
N HIS C 104 16.01 -5.38 20.07
N HIS C 104 16.00 -5.39 20.03
CA HIS C 104 15.18 -6.23 20.91
CA HIS C 104 15.25 -6.30 20.91
C HIS C 104 15.21 -5.85 22.39
C HIS C 104 15.18 -5.72 22.31
N ALA C 105 16.34 -5.29 22.84
CA ALA C 105 16.44 -4.76 24.21
C ALA C 105 15.46 -3.61 24.42
N THR C 106 15.37 -2.71 23.45
CA THR C 106 14.49 -1.57 23.64
C THR C 106 12.99 -1.92 23.51
N THR C 107 12.63 -2.82 22.58
CA THR C 107 11.23 -3.21 22.35
C THR C 107 10.73 -4.44 23.12
N ALA C 108 11.61 -5.23 23.77
CA ALA C 108 11.18 -6.51 24.32
C ALA C 108 9.93 -6.37 25.19
N ASN C 109 9.90 -5.35 26.05
CA ASN C 109 8.76 -5.09 26.91
C ASN C 109 7.98 -3.84 26.50
N MSE C 110 7.99 -3.53 25.20
CA MSE C 110 7.16 -2.45 24.65
C MSE C 110 5.98 -3.01 23.87
O MSE C 110 6.02 -4.13 23.36
CB MSE C 110 7.96 -1.50 23.74
CG MSE C 110 8.83 -0.54 24.52
SE MSE C 110 9.97 0.59 23.42
CE MSE C 110 8.62 1.86 22.84
N ASN C 111 4.93 -2.21 23.79
CA ASN C 111 3.74 -2.54 23.07
C ASN C 111 4.03 -2.57 21.57
N PRO C 112 3.88 -3.74 20.95
CA PRO C 112 4.22 -3.85 19.52
C PRO C 112 3.16 -3.21 18.63
N ARG C 113 2.14 -2.63 19.25
CA ARG C 113 1.12 -1.90 18.52
C ARG C 113 1.59 -0.52 18.09
N SER C 114 2.34 0.16 18.97
CA SER C 114 2.91 1.45 18.69
C SER C 114 4.44 1.40 18.40
N ALA C 115 5.16 0.46 18.98
CA ALA C 115 6.60 0.27 18.73
C ALA C 115 6.85 -0.82 17.67
N ARG C 116 7.23 -0.45 16.45
CA ARG C 116 7.36 -1.45 15.41
C ARG C 116 8.71 -1.49 14.71
N VAL C 117 9.17 -2.70 14.35
CA VAL C 117 10.51 -2.84 13.79
C VAL C 117 10.44 -2.95 12.28
N VAL C 118 11.06 -2.02 11.55
CA VAL C 118 11.07 -2.07 10.08
C VAL C 118 12.19 -2.98 9.51
N ALA C 119 11.80 -4.07 8.86
CA ALA C 119 12.74 -5.00 8.23
C ALA C 119 12.53 -5.07 6.72
N LEU C 120 13.03 -4.05 6.02
CA LEU C 120 12.89 -3.97 4.55
C LEU C 120 13.87 -4.89 3.86
N THR C 121 13.36 -5.70 2.94
CA THR C 121 14.18 -6.48 2.01
C THR C 121 14.83 -5.52 1.00
N LYS C 122 15.76 -6.02 0.18
CA LYS C 122 16.39 -5.19 -0.86
C LYS C 122 15.37 -4.61 -1.87
N PRO C 123 15.70 -3.45 -2.48
CA PRO C 123 14.74 -2.78 -3.34
C PRO C 123 14.21 -3.71 -4.43
N THR C 124 12.93 -3.58 -4.75
CA THR C 124 12.39 -4.24 -5.93
C THR C 124 12.73 -3.40 -7.17
N GLU C 125 12.31 -3.89 -8.33
CA GLU C 125 12.53 -3.15 -9.55
C GLU C 125 11.85 -1.80 -9.48
N THR C 126 10.62 -1.82 -9.02
CA THR C 126 9.81 -0.62 -8.91
C THR C 126 10.41 0.35 -7.90
N GLU C 127 10.88 -0.17 -6.77
CA GLU C 127 11.55 0.64 -5.77
C GLU C 127 12.86 1.26 -6.28
N ARG C 128 13.55 0.54 -7.17
CA ARG C 128 14.84 0.97 -7.76
C ARG C 128 14.74 2.22 -8.67
N GLY C 129 13.63 2.34 -9.41
CA GLY C 129 13.36 3.51 -10.24
C GLY C 129 12.66 4.64 -9.49
N GLN C 130 12.46 4.48 -8.19
CA GLN C 130 11.82 5.50 -7.38
C GLN C 130 12.86 6.34 -6.67
N TRP C 131 12.45 7.53 -6.25
CA TRP C 131 13.17 8.30 -5.25
C TRP C 131 13.64 7.34 -4.15
N TYR C 132 14.96 7.28 -3.95
CA TYR C 132 15.56 6.35 -3.00
C TYR C 132 14.83 6.36 -1.65
N PHE C 133 14.41 7.54 -1.19
CA PHE C 133 13.81 7.67 0.13
C PHE C 133 12.35 7.23 0.18
N GLN C 134 11.74 6.93 -0.96
CA GLN C 134 10.29 6.71 -1.02
C GLN C 134 9.84 5.60 -0.06
N ARG C 135 10.51 4.45 -0.13
CA ARG C 135 10.05 3.27 0.60
C ARG C 135 10.33 3.40 2.12
N TYR C 136 11.25 4.28 2.49
CA TYR C 136 11.48 4.64 3.88
C TYR C 136 10.34 5.52 4.38
N VAL C 137 9.99 6.54 3.60
CA VAL C 137 8.82 7.37 3.89
C VAL C 137 7.56 6.54 4.19
N ALA C 138 7.29 5.49 3.42
CA ALA C 138 6.09 4.64 3.64
C ALA C 138 5.95 4.04 5.04
N THR C 139 7.07 3.94 5.75
CA THR C 139 7.17 3.31 7.06
C THR C 139 7.23 4.35 8.18
N PHE C 140 7.21 5.63 7.81
CA PHE C 140 7.27 6.71 8.78
C PHE C 140 6.12 6.61 9.82
N PRO C 141 6.36 7.11 11.06
CA PRO C 141 5.41 6.94 12.16
C PRO C 141 4.14 7.79 12.05
N THR C 142 3.01 7.24 12.48
CA THR C 142 1.83 8.03 12.70
C THR C 142 1.79 8.47 14.17
N ALA C 143 0.83 9.31 14.55
CA ALA C 143 0.64 9.68 15.95
C ALA C 143 1.06 8.56 16.90
N GLY C 144 2.02 8.85 17.79
CA GLY C 144 2.42 7.94 18.88
C GLY C 144 3.39 6.80 18.59
N GLU C 145 3.79 6.62 17.35
CA GLU C 145 4.56 5.43 16.97
C GLU C 145 6.07 5.58 17.19
N PHE C 146 6.66 4.55 17.81
CA PHE C 146 8.11 4.34 17.92
C PHE C 146 8.47 3.41 16.78
N VAL C 147 9.15 3.91 15.77
CA VAL C 147 9.58 3.09 14.64
C VAL C 147 11.09 2.87 14.74
N LEU C 148 11.51 1.61 14.65
CA LEU C 148 12.93 1.24 14.73
C LEU C 148 13.35 0.53 13.47
N PHE C 149 14.59 0.80 13.04
CA PHE C 149 15.05 0.34 11.74
C PHE C 149 16.18 -0.68 11.83
N ASP C 150 15.93 -1.83 11.24
CA ASP C 150 16.91 -2.91 11.13
C ASP C 150 17.99 -2.42 10.19
N ARG C 151 17.61 -2.32 8.92
CA ARG C 151 18.33 -1.59 7.89
C ARG C 151 17.62 -0.23 7.67
N SER C 152 18.40 0.84 7.51
CA SER C 152 17.84 2.16 7.22
C SER C 152 18.25 2.63 5.83
N TRP C 153 17.97 3.91 5.54
CA TRP C 153 18.36 4.55 4.28
C TRP C 153 19.89 4.68 4.16
N TYR C 154 20.57 4.38 5.26
CA TYR C 154 22.02 4.38 5.33
C TYR C 154 22.72 3.12 4.81
N ASN C 155 22.00 2.19 4.19
CA ASN C 155 22.65 1.17 3.36
C ASN C 155 23.41 1.80 2.18
N ARG C 156 22.94 2.98 1.72
CA ARG C 156 23.58 3.79 0.68
C ARG C 156 24.88 4.51 1.11
N ALA C 157 25.21 4.44 2.40
CA ALA C 157 26.43 5.06 2.90
C ALA C 157 27.39 4.02 3.51
N GLY C 158 26.97 2.76 3.43
CA GLY C 158 27.78 1.62 3.89
C GLY C 158 27.89 0.52 2.85
N VAL C 159 27.01 -0.49 2.98
CA VAL C 159 27.00 -1.72 2.15
C VAL C 159 26.96 -1.48 0.62
N GLU C 160 26.06 -0.62 0.15
CA GLU C 160 25.81 -0.44 -1.28
C GLU C 160 26.97 0.12 -2.14
N PRO C 161 27.64 1.20 -1.68
CA PRO C 161 28.82 1.65 -2.45
C PRO C 161 30.10 0.77 -2.24
N VAL C 162 30.26 0.17 -1.07
CA VAL C 162 31.32 -0.82 -0.82
C VAL C 162 31.15 -2.06 -1.72
N MSE C 163 29.93 -2.59 -1.78
CA MSE C 163 29.62 -3.76 -2.63
C MSE C 163 29.28 -3.39 -4.08
O MSE C 163 28.99 -4.27 -4.90
CB MSE C 163 28.48 -4.60 -2.02
CG MSE C 163 28.76 -5.20 -0.64
SE MSE C 163 30.25 -6.47 -0.52
CE MSE C 163 29.54 -7.94 -1.60
N GLY C 164 29.28 -2.10 -4.40
CA GLY C 164 28.88 -1.63 -5.73
C GLY C 164 27.47 -2.07 -6.10
N PHE C 165 26.55 -1.98 -5.13
CA PHE C 165 25.10 -2.18 -5.36
C PHE C 165 24.45 -0.87 -5.78
N CYS C 166 25.22 0.22 -5.67
CA CYS C 166 24.85 1.57 -6.13
C CYS C 166 26.06 2.30 -6.71
N THR C 167 25.80 3.25 -7.60
CA THR C 167 26.88 4.00 -8.25
C THR C 167 27.57 4.97 -7.26
N PRO C 168 28.80 5.43 -7.59
CA PRO C 168 29.43 6.54 -6.86
C PRO C 168 28.53 7.78 -6.77
N ASP C 169 27.95 8.18 -7.90
CA ASP C 169 27.02 9.32 -7.99
C ASP C 169 25.82 9.17 -7.07
N GLN C 170 25.32 7.94 -6.94
CA GLN C 170 24.17 7.65 -6.10
C GLN C 170 24.52 7.79 -4.63
N TYR C 171 25.62 7.15 -4.24
CA TYR C 171 26.20 7.28 -2.90
C TYR C 171 26.45 8.74 -2.54
N GLU C 172 27.11 9.46 -3.47
CA GLU C 172 27.39 10.89 -3.36
C GLU C 172 26.14 11.75 -3.21
N GLN C 173 25.10 11.45 -3.98
CA GLN C 173 23.78 12.07 -3.80
C GLN C 173 23.15 11.78 -2.45
N PHE C 174 23.26 10.53 -1.98
CA PHE C 174 22.71 10.14 -0.67
C PHE C 174 23.33 10.91 0.49
N LEU C 175 24.65 11.04 0.47
CA LEU C 175 25.35 11.86 1.46
C LEU C 175 24.83 13.30 1.43
N LYS C 176 24.62 13.83 0.22
CA LYS C 176 24.04 15.16 0.06
C LYS C 176 22.58 15.22 0.50
N GLU C 177 21.78 14.21 0.13
CA GLU C 177 20.32 14.26 0.38
C GLU C 177 19.84 13.80 1.75
N ALA C 178 20.64 13.00 2.45
CA ALA C 178 20.24 12.46 3.76
C ALA C 178 19.93 13.51 4.84
N PRO C 179 20.78 14.58 4.96
CA PRO C 179 20.51 15.72 5.85
C PRO C 179 19.30 16.59 5.46
N ARG C 180 19.06 16.77 4.16
CA ARG C 180 17.85 17.50 3.73
C ARG C 180 16.63 16.68 4.13
N PHE C 181 16.76 15.36 3.96
CA PHE C 181 15.75 14.39 4.37
C PHE C 181 15.47 14.45 5.87
N GLU C 182 16.55 14.44 6.66
CA GLU C 182 16.43 14.47 8.10
C GLU C 182 16.04 15.84 8.67
N GLU C 183 16.36 16.94 7.96
CA GLU C 183 15.81 18.23 8.34
C GLU C 183 14.29 18.21 8.28
N MSE C 184 13.75 17.59 7.23
CA MSE C 184 12.29 17.44 7.06
C MSE C 184 11.63 16.66 8.19
O MSE C 184 10.53 17.03 8.62
CB MSE C 184 11.95 16.82 5.69
CG MSE C 184 12.29 17.77 4.52
SE MSE C 184 11.25 17.63 2.87
CE MSE C 184 9.74 18.75 3.38
N ILE C 185 12.30 15.60 8.65
CA ILE C 185 11.88 14.78 9.76
C ILE C 185 11.85 15.61 11.04
N ALA C 186 12.96 16.28 11.33
CA ALA C 186 13.07 17.13 12.50
C ALA C 186 12.11 18.33 12.46
N ASN C 187 11.82 18.85 11.25
CA ASN C 187 10.89 19.97 11.11
C ASN C 187 9.47 19.52 11.32
N GLU C 188 9.19 18.27 10.95
CA GLU C 188 7.92 17.60 11.21
C GLU C 188 7.69 17.38 12.72
N GLY C 189 8.78 17.29 13.49
CA GLY C 189 8.67 17.07 14.91
C GLY C 189 8.69 15.59 15.24
N ILE C 190 9.15 14.77 14.30
CA ILE C 190 9.52 13.40 14.57
C ILE C 190 10.96 13.43 15.13
N HIS C 191 11.17 12.71 16.25
CA HIS C 191 12.49 12.65 16.89
C HIS C 191 13.29 11.47 16.35
N LEU C 192 14.27 11.75 15.51
CA LEU C 192 15.18 10.73 14.99
C LEU C 192 16.42 10.49 15.87
N PHE C 193 16.67 9.22 16.19
CA PHE C 193 17.94 8.75 16.75
C PHE C 193 18.71 7.99 15.68
N LYS C 194 20.00 8.26 15.61
CA LYS C 194 20.89 7.43 14.81
C LYS C 194 22.02 6.90 15.68
N PHE C 195 22.13 5.57 15.76
CA PHE C 195 23.19 4.91 16.54
C PHE C 195 24.09 4.17 15.59
N TRP C 196 25.36 4.53 15.59
CA TRP C 196 26.37 3.69 14.98
C TRP C 196 26.97 2.80 16.06
N ILE C 197 26.89 1.49 15.85
CA ILE C 197 27.43 0.51 16.81
C ILE C 197 28.77 -0.06 16.31
N ASN C 198 29.82 0.24 17.07
CA ASN C 198 31.16 -0.17 16.71
C ASN C 198 31.55 -1.48 17.38
N ILE C 199 32.29 -2.29 16.64
CA ILE C 199 33.01 -3.45 17.18
C ILE C 199 34.40 -3.47 16.57
N GLY C 200 35.37 -3.96 17.36
CA GLY C 200 36.71 -4.24 16.88
C GLY C 200 36.73 -5.44 15.96
N ARG C 201 37.72 -5.44 15.07
CA ARG C 201 37.87 -6.46 14.03
C ARG C 201 37.80 -7.90 14.51
N GLU C 202 38.45 -8.18 15.65
CA GLU C 202 38.50 -9.53 16.24
C GLU C 202 37.13 -10.01 16.76
N MSE C 203 36.38 -9.05 17.31
CA MSE C 203 35.02 -9.29 17.73
C MSE C 203 34.13 -9.73 16.57
O MSE C 203 33.39 -10.72 16.69
CB MSE C 203 34.45 -8.05 18.43
CG MSE C 203 33.07 -8.29 19.04
SE MSE C 203 33.15 -9.62 20.44
CE MSE C 203 33.04 -11.25 19.47
N GLN C 204 34.20 -9.02 15.44
CA GLN C 204 33.43 -9.38 14.26
C GLN C 204 33.68 -10.83 13.84
N LEU C 205 34.95 -11.20 13.86
CA LEU C 205 35.39 -12.53 13.50
C LEU C 205 34.86 -13.55 14.48
N LYS C 206 35.00 -13.27 15.78
CA LYS C 206 34.47 -14.19 16.81
C LYS C 206 32.96 -14.35 16.68
N ARG C 207 32.28 -13.23 16.49
CA ARG C 207 30.82 -13.24 16.34
C ARG C 207 30.37 -13.95 15.07
N PHE C 208 31.07 -13.69 13.97
CA PHE C 208 30.84 -14.41 12.72
C PHE C 208 30.96 -15.92 12.89
N HIS C 209 31.97 -16.30 13.67
CA HIS C 209 32.27 -17.69 13.96
C HIS C 209 31.20 -18.30 14.87
N ASP C 210 30.81 -17.57 15.92
CA ASP C 210 29.67 -17.93 16.77
C ASP C 210 28.39 -18.26 15.96
N ARG C 211 28.04 -17.38 15.02
CA ARG C 211 26.91 -17.60 14.11
C ARG C 211 27.03 -18.89 13.30
N ARG C 212 28.18 -19.06 12.65
CA ARG C 212 28.48 -20.26 11.86
C ARG C 212 28.27 -21.57 12.62
N HIS C 213 28.68 -21.60 13.88
CA HIS C 213 28.62 -22.85 14.65
C HIS C 213 27.44 -22.95 15.64
N ASP C 214 26.42 -22.13 15.40
CA ASP C 214 25.17 -22.17 16.15
C ASP C 214 24.02 -22.38 15.17
N PRO C 215 23.43 -23.60 15.13
CA PRO C 215 22.37 -23.87 14.14
C PRO C 215 21.17 -22.91 14.23
N LEU C 216 21.07 -22.13 15.30
CA LEU C 216 20.02 -21.11 15.47
C LEU C 216 20.33 -19.76 14.81
N LYS C 217 21.60 -19.53 14.50
CA LYS C 217 22.07 -18.23 14.00
C LYS C 217 22.79 -18.35 12.66
N ILE C 218 22.95 -19.57 12.15
CA ILE C 218 23.67 -19.83 10.89
C ILE C 218 23.02 -19.22 9.63
N TRP C 219 21.74 -18.92 9.68
CA TRP C 219 21.06 -18.29 8.55
C TRP C 219 21.49 -16.81 8.38
N LYS C 220 22.12 -16.25 9.41
CA LYS C 220 22.55 -14.86 9.39
C LYS C 220 23.82 -14.67 8.55
N LEU C 221 24.56 -15.75 8.34
CA LEU C 221 25.70 -15.71 7.47
C LEU C 221 25.30 -16.03 6.04
N SER C 222 25.98 -15.38 5.10
CA SER C 222 25.94 -15.76 3.69
C SER C 222 27.37 -15.66 3.20
N PRO C 223 27.75 -16.45 2.17
CA PRO C 223 29.14 -16.44 1.66
C PRO C 223 29.73 -15.05 1.38
N MSE C 224 28.86 -14.12 0.98
CA MSE C 224 29.21 -12.71 0.83
C MSE C 224 29.85 -12.10 2.08
O MSE C 224 30.94 -11.52 1.99
CB MSE C 224 27.98 -11.90 0.48
CG MSE C 224 27.84 -11.55 -1.00
SE MSE C 224 26.80 -9.88 -1.23
CE MSE C 224 25.86 -9.76 0.50
N ASP C 225 29.16 -12.23 3.22
CA ASP C 225 29.64 -11.73 4.51
C ASP C 225 31.03 -12.26 4.85
N ILE C 226 31.31 -13.48 4.39
CA ILE C 226 32.60 -14.13 4.60
C ILE C 226 33.61 -13.64 3.57
N ALA C 227 33.17 -13.42 2.33
CA ALA C 227 34.02 -12.82 1.30
C ALA C 227 34.45 -11.40 1.73
N ALA C 228 33.52 -10.65 2.31
CA ALA C 228 33.74 -9.26 2.72
C ALA C 228 34.38 -9.10 4.11
N LEU C 229 35.37 -9.94 4.43
CA LEU C 229 36.17 -9.78 5.65
C LEU C 229 37.48 -9.05 5.33
N SER C 230 37.99 -9.25 4.12
CA SER C 230 39.08 -8.45 3.59
C SER C 230 38.49 -7.24 2.86
N LYS C 231 37.74 -6.45 3.61
CA LYS C 231 37.13 -5.21 3.14
C LYS C 231 36.85 -4.35 4.37
N TRP C 232 37.59 -4.64 5.45
CA TRP C 232 37.51 -3.90 6.72
C TRP C 232 37.78 -2.41 6.54
N ASP C 233 38.92 -2.08 5.92
CA ASP C 233 39.33 -0.69 5.74
C ASP C 233 38.42 -0.02 4.73
N ASP C 234 38.12 -0.75 3.65
CA ASP C 234 37.11 -0.34 2.67
C ASP C 234 35.87 0.16 3.40
N TYR C 235 35.42 -0.60 4.42
CA TYR C 235 34.28 -0.23 5.27
C TYR C 235 34.61 0.86 6.29
N THR C 236 35.86 0.88 6.79
CA THR C 236 36.30 1.91 7.74
C THR C 236 36.26 3.27 7.06
N GLY C 237 36.66 3.31 5.78
CA GLY C 237 36.65 4.55 4.98
C GLY C 237 35.25 5.11 4.88
N LYS C 238 34.32 4.25 4.47
CA LYS C 238 32.91 4.60 4.26
C LYS C 238 32.18 5.02 5.54
N ARG C 239 32.58 4.38 6.66
CA ARG C 239 32.03 4.75 7.95
C ARG C 239 32.37 6.19 8.30
N ASP C 240 33.66 6.52 8.20
CA ASP C 240 34.16 7.84 8.55
C ASP C 240 33.63 8.96 7.65
N ARG C 241 33.54 8.71 6.35
CA ARG C 241 32.92 9.66 5.42
C ARG C 241 31.50 10.00 5.88
N MSE C 242 30.71 8.95 6.10
CA MSE C 242 29.31 9.09 6.46
C MSE C 242 29.09 9.92 7.73
O MSE C 242 28.37 10.92 7.72
CB MSE C 242 28.68 7.72 6.61
CG MSE C 242 27.24 7.74 6.98
SE MSE C 242 26.82 6.35 8.25
CE MSE C 242 27.45 4.79 7.23
N LEU C 243 29.72 9.50 8.82
CA LEU C 243 29.54 10.16 10.12
C LEU C 243 29.83 11.67 10.13
N LYS C 244 30.91 12.10 9.47
CA LYS C 244 31.24 13.51 9.32
C LYS C 244 30.24 14.21 8.42
N GLU C 245 29.89 13.54 7.32
CA GLU C 245 29.07 14.15 6.27
C GLU C 245 27.56 14.10 6.52
N THR C 246 27.13 13.27 7.47
CA THR C 246 25.69 13.11 7.79
C THR C 246 25.35 13.33 9.27
N HIS C 247 26.30 13.91 10.02
CA HIS C 247 26.04 14.26 11.41
C HIS C 247 25.74 15.76 11.48
N THR C 248 24.47 16.11 11.35
CA THR C 248 24.02 17.49 11.49
C THR C 248 23.35 17.73 12.84
N GLU C 249 23.03 18.99 13.12
CA GLU C 249 22.21 19.37 14.27
C GLU C 249 20.84 18.68 14.19
N HIS C 250 20.29 18.64 12.97
CA HIS C 250 19.03 17.98 12.66
C HIS C 250 19.09 16.48 12.89
N GLY C 251 20.19 15.86 12.45
CA GLY C 251 20.37 14.42 12.51
C GLY C 251 21.70 14.05 13.14
N PRO C 252 21.80 14.16 14.47
CA PRO C 252 23.06 13.73 15.07
C PRO C 252 23.24 12.22 15.10
N TRP C 253 24.50 11.80 15.02
CA TRP C 253 24.90 10.42 15.12
C TRP C 253 25.41 10.17 16.53
N ALA C 254 24.93 9.06 17.10
CA ALA C 254 25.47 8.55 18.35
C ALA C 254 26.31 7.34 17.99
N VAL C 255 27.53 7.31 18.49
CA VAL C 255 28.47 6.23 18.20
C VAL C 255 28.68 5.42 19.47
N ILE C 256 28.46 4.12 19.34
CA ILE C 256 28.55 3.19 20.45
C ILE C 256 29.75 2.26 20.29
N ARG C 257 30.51 2.08 21.38
CA ARG C 257 31.44 0.95 21.48
C ARG C 257 30.63 -0.29 21.82
N GLY C 258 30.62 -1.24 20.88
CA GLY C 258 29.74 -2.40 20.96
C GLY C 258 30.37 -3.75 21.27
N ASN C 259 31.64 -3.80 21.63
CA ASN C 259 32.30 -5.07 21.99
C ASN C 259 31.56 -5.88 23.05
N ASP C 260 31.05 -5.19 24.06
CA ASP C 260 30.11 -5.79 25.04
C ASP C 260 28.67 -5.35 24.72
N LYS C 261 27.83 -6.31 24.33
CA LYS C 261 26.41 -6.06 23.97
C LYS C 261 25.61 -5.53 25.16
N ARG C 262 25.94 -6.01 26.35
CA ARG C 262 25.32 -5.57 27.59
C ARG C 262 25.46 -4.06 27.80
N ARG C 263 26.70 -3.58 27.75
CA ARG C 263 26.96 -2.15 27.80
C ARG C 263 26.40 -1.35 26.62
N SER C 264 26.45 -1.94 25.44
CA SER C 264 25.91 -1.32 24.25
C SER C 264 24.38 -1.06 24.35
N ARG C 265 23.62 -2.06 24.79
CA ARG C 265 22.18 -1.96 24.99
C ARG C 265 21.76 -0.92 26.02
N ILE C 266 22.43 -0.94 27.18
CA ILE C 266 22.13 -0.04 28.28
C ILE C 266 22.34 1.42 27.93
N ASN C 267 23.41 1.70 27.19
CA ASN C 267 23.73 3.08 26.82
C ASN C 267 22.89 3.62 25.67
N VAL C 268 22.52 2.75 24.73
CA VAL C 268 21.55 3.06 23.68
C VAL C 268 20.22 3.59 24.27
N ILE C 269 19.72 2.85 25.26
CA ILE C 269 18.44 3.16 25.91
C ILE C 269 18.59 4.36 26.87
N ARG C 270 19.72 4.44 27.57
CA ARG C 270 19.99 5.59 28.43
C ARG C 270 20.01 6.86 27.63
N HIS C 271 20.62 6.81 26.45
CA HIS C 271 20.72 7.97 25.56
C HIS C 271 19.34 8.46 25.12
N MSE C 272 18.49 7.53 24.70
CA MSE C 272 17.17 7.87 24.19
C MSE C 272 16.31 8.47 25.29
O MSE C 272 15.61 9.49 25.09
CB MSE C 272 16.52 6.67 23.55
CG MSE C 272 17.06 6.37 22.14
SE MSE C 272 16.10 4.92 21.25
CE MSE C 272 16.37 3.51 22.58
N LEU C 273 16.37 7.86 26.47
CA LEU C 273 15.62 8.30 27.64
C LEU C 273 15.99 9.70 28.11
N THR C 274 17.27 10.04 28.00
CA THR C 274 17.74 11.36 28.41
C THR C 274 17.31 12.42 27.42
N LYS C 275 17.12 12.00 26.18
CA LYS C 275 16.84 12.89 25.06
C LYS C 275 15.37 13.21 24.87
N LEU C 276 14.50 12.42 25.48
CA LEU C 276 13.06 12.55 25.31
C LEU C 276 12.46 13.08 26.60
N ASP C 277 11.62 14.10 26.49
CA ASP C 277 11.10 14.79 27.67
C ASP C 277 9.77 14.19 28.12
N TYR C 278 9.81 12.93 28.55
CA TYR C 278 8.60 12.14 28.83
C TYR C 278 8.08 12.31 30.26
N ASP C 279 6.76 12.32 30.39
CA ASP C 279 6.11 12.43 31.71
C ASP C 279 6.42 11.23 32.60
N GLY C 280 6.72 11.50 33.87
CA GLY C 280 7.08 10.46 34.86
C GLY C 280 8.53 9.98 34.77
N LYS C 281 9.37 10.77 34.10
CA LYS C 281 10.80 10.51 33.96
C LYS C 281 11.55 10.44 35.31
N ASP C 282 12.07 9.26 35.62
CA ASP C 282 12.78 9.00 36.88
C ASP C 282 14.28 8.97 36.62
N GLU C 283 14.91 10.13 36.78
CA GLU C 283 16.35 10.33 36.52
C GLU C 283 17.30 9.38 37.24
N ALA C 284 16.93 8.94 38.45
CA ALA C 284 17.77 8.02 39.21
C ALA C 284 17.79 6.66 38.50
N ALA C 285 16.63 6.28 37.94
CA ALA C 285 16.45 5.01 37.24
C ALA C 285 17.15 4.92 35.86
N ILE C 286 17.30 6.06 35.19
CA ILE C 286 18.05 6.14 33.93
C ILE C 286 19.55 5.99 34.19
N GLY C 287 20.04 6.67 35.23
CA GLY C 287 21.46 6.64 35.57
C GLY C 287 22.26 7.52 34.61
N GLU C 288 23.57 7.25 34.55
CA GLU C 288 24.46 8.06 33.71
C GLU C 288 24.78 7.32 32.42
N VAL C 289 24.58 8.01 31.30
CA VAL C 289 25.12 7.56 30.03
C VAL C 289 26.64 7.43 30.23
N ASP C 290 27.20 6.31 29.84
CA ASP C 290 28.62 6.04 30.03
C ASP C 290 29.39 6.75 28.91
N GLU C 291 30.20 7.74 29.31
CA GLU C 291 31.03 8.56 28.41
C GLU C 291 32.06 7.70 27.65
N LYS C 292 32.55 6.64 28.29
CA LYS C 292 33.47 5.68 27.69
C LYS C 292 32.83 4.86 26.53
N ILE C 293 31.51 4.68 26.60
CA ILE C 293 30.78 3.84 25.64
C ILE C 293 30.07 4.64 24.53
N LEU C 294 29.33 5.67 24.93
CA LEU C 294 28.53 6.45 23.98
C LEU C 294 29.22 7.80 23.66
N GLY C 295 29.53 8.01 22.38
CA GLY C 295 30.08 9.28 21.93
C GLY C 295 29.20 9.97 20.91
N SER C 296 29.74 11.01 20.28
CA SER C 296 29.01 11.73 19.24
C SER C 296 29.87 11.90 17.98
N GLY C 297 29.27 11.55 16.83
CA GLY C 297 29.84 11.72 15.49
C GLY C 297 31.29 11.34 15.27
N PRO C 298 32.00 12.15 14.45
CA PRO C 298 33.46 12.07 14.33
C PRO C 298 34.17 12.40 15.66
N GLY C 299 35.49 12.22 15.71
CA GLY C 299 36.28 12.54 16.90
C GLY C 299 36.18 11.55 18.07
N PHE C 300 35.17 10.67 18.03
CA PHE C 300 34.99 9.68 19.09
C PHE C 300 35.71 8.37 18.84
N LEU C 301 35.70 7.90 17.59
CA LEU C 301 36.26 6.59 17.27
C LEU C 301 37.78 6.60 17.00
N SER D 16 -33.85 30.68 -1.83
CA SER D 16 -33.49 30.15 -0.49
C SER D 16 -32.03 29.68 -0.39
N ARG D 17 -31.28 29.91 -1.48
CA ARG D 17 -29.85 29.64 -1.50
C ARG D 17 -29.10 30.82 -2.13
N ALA D 18 -29.80 31.96 -2.29
CA ALA D 18 -29.25 33.14 -2.92
C ALA D 18 -28.20 33.82 -2.04
N VAL D 19 -27.01 34.04 -2.60
CA VAL D 19 -25.91 34.67 -1.88
C VAL D 19 -25.79 36.16 -2.21
N GLU D 20 -25.27 36.93 -1.25
CA GLU D 20 -24.98 38.36 -1.41
C GLU D 20 -23.47 38.58 -1.60
N LEU D 21 -23.07 39.27 -2.67
CA LEU D 21 -21.64 39.40 -3.01
C LEU D 21 -21.18 40.84 -3.30
N GLU D 22 -19.86 41.03 -3.19
CA GLU D 22 -19.23 42.33 -3.48
C GLU D 22 -18.20 42.21 -4.61
N ILE D 23 -18.63 42.53 -5.82
CA ILE D 23 -17.78 42.41 -7.01
C ILE D 23 -17.10 43.75 -7.32
N ASP D 24 -15.86 43.87 -6.84
CA ASP D 24 -14.99 45.05 -7.06
C ASP D 24 -15.66 46.39 -6.75
N GLY D 25 -16.18 46.52 -5.54
CA GLY D 25 -16.87 47.75 -5.12
C GLY D 25 -18.23 47.89 -5.74
N ARG D 26 -18.98 46.79 -5.77
CA ARG D 26 -20.36 46.79 -6.26
C ARG D 26 -21.15 45.60 -5.72
N SER D 27 -22.40 45.86 -5.35
CA SER D 27 -23.23 44.86 -4.67
C SER D 27 -24.23 44.17 -5.59
N ARG D 28 -24.10 42.85 -5.70
CA ARG D 28 -25.08 42.01 -6.42
C ARG D 28 -25.47 40.77 -5.61
N ILE D 29 -26.64 40.19 -5.93
CA ILE D 29 -27.03 38.90 -5.39
C ILE D 29 -26.96 37.83 -6.49
N PHE D 30 -26.51 36.63 -6.10
CA PHE D 30 -26.39 35.47 -7.00
C PHE D 30 -27.23 34.30 -6.53
N ASP D 31 -28.36 34.08 -7.21
CA ASP D 31 -29.11 32.84 -7.05
C ASP D 31 -28.70 31.86 -8.13
N ILE D 32 -27.90 30.87 -7.71
CA ILE D 32 -27.43 29.79 -8.57
C ILE D 32 -28.57 28.94 -9.13
N ASP D 33 -29.70 28.89 -8.42
CA ASP D 33 -30.84 28.10 -8.83
C ASP D 33 -31.82 28.83 -9.71
N ASP D 34 -31.55 30.10 -9.98
CA ASP D 34 -32.28 30.86 -10.98
C ASP D 34 -31.57 30.63 -12.32
N PRO D 35 -32.28 30.04 -13.33
CA PRO D 35 -31.65 29.76 -14.66
C PRO D 35 -31.35 31.01 -15.50
N ASP D 36 -31.92 32.14 -15.10
CA ASP D 36 -31.62 33.43 -15.72
C ASP D 36 -30.30 33.98 -15.17
N LEU D 37 -29.26 33.87 -15.99
CA LEU D 37 -27.92 34.30 -15.64
C LEU D 37 -27.95 35.80 -15.78
N PRO D 38 -27.71 36.56 -14.68
CA PRO D 38 -27.98 38.01 -14.86
C PRO D 38 -26.96 38.63 -15.80
N LYS D 39 -27.34 39.77 -16.38
CA LYS D 39 -26.51 40.48 -17.35
C LYS D 39 -25.09 40.64 -16.87
N TRP D 40 -24.94 41.08 -15.62
CA TRP D 40 -23.66 41.46 -15.06
C TRP D 40 -22.70 40.28 -14.91
N ILE D 41 -23.25 39.07 -14.93
CA ILE D 41 -22.42 37.91 -15.09
C ILE D 41 -22.30 37.62 -16.60
N ASP D 42 -23.43 37.33 -17.27
CA ASP D 42 -23.45 36.91 -18.69
C ASP D 42 -22.55 37.80 -19.57
N GLU D 43 -22.61 39.10 -19.33
CA GLU D 43 -21.89 40.05 -20.15
C GLU D 43 -20.45 40.24 -19.73
N GLU D 44 -20.11 39.77 -18.52
CA GLU D 44 -18.76 40.00 -17.99
C GLU D 44 -17.91 38.74 -17.74
N ALA D 45 -18.53 37.56 -17.80
CA ALA D 45 -17.83 36.28 -17.50
C ALA D 45 -16.50 36.13 -18.26
N PHE D 46 -16.56 36.29 -19.57
CA PHE D 46 -15.42 36.08 -20.42
C PHE D 46 -14.25 37.05 -20.23
N ARG D 47 -14.53 38.34 -20.27
CA ARG D 47 -13.46 39.32 -20.14
C ARG D 47 -13.08 39.67 -18.69
N SER D 48 -13.82 39.13 -17.71
CA SER D 48 -13.46 39.25 -16.27
C SER D 48 -11.98 39.00 -15.98
N ASP D 49 -11.43 39.81 -15.07
CA ASP D 49 -10.06 39.70 -14.58
C ASP D 49 -9.03 40.04 -15.66
N ASP D 50 -9.40 41.01 -16.51
CA ASP D 50 -8.52 41.47 -17.57
C ASP D 50 -8.06 40.33 -18.46
N TYR D 51 -9.03 39.60 -19.02
CA TYR D 51 -8.70 38.57 -19.99
C TYR D 51 -8.28 39.23 -21.32
N PRO D 52 -7.19 38.72 -21.91
CA PRO D 52 -6.61 39.43 -23.06
C PRO D 52 -7.33 39.35 -24.41
N TYR D 53 -8.30 38.43 -24.57
CA TYR D 53 -8.92 38.19 -25.87
C TYR D 53 -10.41 38.49 -25.98
N LYS D 54 -10.81 38.93 -27.16
CA LYS D 54 -12.21 39.26 -27.45
C LYS D 54 -13.14 38.04 -27.30
N LYS D 55 -12.83 36.94 -27.98
CA LYS D 55 -13.68 35.75 -27.84
C LYS D 55 -12.96 34.43 -27.65
N LYS D 56 -13.75 33.45 -27.21
CA LYS D 56 -13.37 32.04 -27.05
C LYS D 56 -12.67 31.53 -28.32
N LEU D 57 -11.62 30.74 -28.13
CA LEU D 57 -10.91 30.14 -29.26
C LEU D 57 -11.91 29.22 -29.97
N ASP D 58 -11.91 29.31 -31.30
CA ASP D 58 -12.77 28.51 -32.12
C ASP D 58 -12.49 27.03 -31.87
N ARG D 59 -13.54 26.21 -31.89
CA ARG D 59 -13.44 24.76 -31.62
C ARG D 59 -12.52 24.02 -32.59
N GLU D 60 -12.75 24.20 -33.89
CA GLU D 60 -11.99 23.48 -34.91
C GLU D 60 -10.50 23.82 -34.81
N GLU D 61 -10.17 25.06 -34.52
CA GLU D 61 -8.75 25.44 -34.41
C GLU D 61 -8.11 24.90 -33.13
N TYR D 62 -8.88 24.84 -32.06
CA TYR D 62 -8.46 24.27 -30.80
C TYR D 62 -8.14 22.80 -30.95
N GLU D 63 -9.10 22.04 -31.50
CA GLU D 63 -8.98 20.60 -31.71
C GLU D 63 -7.79 20.26 -32.60
N GLU D 64 -7.64 21.01 -33.68
CA GLU D 64 -6.48 20.92 -34.55
C GLU D 64 -5.14 21.10 -33.80
N THR D 65 -5.02 22.17 -33.04
CA THR D 65 -3.78 22.48 -32.30
C THR D 65 -3.54 21.49 -31.15
N LEU D 66 -4.62 21.00 -30.55
CA LEU D 66 -4.51 20.04 -29.46
C LEU D 66 -3.98 18.70 -29.99
N THR D 67 -4.43 18.30 -31.18
CA THR D 67 -3.93 17.11 -31.86
C THR D 67 -2.41 17.13 -32.00
N LYS D 68 -1.85 18.19 -32.59
CA LYS D 68 -0.40 18.35 -32.73
C LYS D 68 0.32 18.26 -31.37
N LEU D 69 -0.34 18.74 -30.32
CA LEU D 69 0.21 18.75 -28.98
C LEU D 69 0.19 17.39 -28.31
N GLN D 70 -0.82 16.60 -28.64
CA GLN D 70 -0.95 15.28 -28.09
C GLN D 70 -0.05 14.30 -28.84
N ILE D 71 0.25 14.63 -30.10
CA ILE D 71 1.23 13.85 -30.86
C ILE D 71 2.65 14.02 -30.26
N GLU D 72 3.03 15.26 -29.91
CA GLU D 72 4.28 15.50 -29.21
C GLU D 72 4.30 14.81 -27.85
N LEU D 73 3.13 14.72 -27.20
CA LEU D 73 3.00 13.98 -25.93
C LEU D 73 3.25 12.49 -26.11
N VAL D 74 2.91 11.96 -27.30
CA VAL D 74 3.26 10.58 -27.59
C VAL D 74 4.78 10.41 -27.65
N LYS D 75 5.46 11.38 -28.26
CA LYS D 75 6.94 11.39 -28.33
C LYS D 75 7.60 11.53 -26.95
N VAL D 76 7.00 12.34 -26.08
CA VAL D 76 7.41 12.49 -24.69
C VAL D 76 7.33 11.17 -23.89
N GLN D 77 6.24 10.44 -24.12
CA GLN D 77 5.97 9.20 -23.43
C GLN D 77 7.02 8.18 -23.81
N PHE D 78 7.32 8.10 -25.11
CA PHE D 78 8.24 7.11 -25.64
C PHE D 78 9.67 7.42 -25.16
N TRP D 79 10.04 8.71 -25.19
CA TRP D 79 11.29 9.19 -24.61
C TRP D 79 11.40 8.88 -23.12
N MSE D 80 10.30 9.07 -22.40
CA MSE D 80 10.24 8.79 -20.96
C MSE D 80 10.41 7.31 -20.65
O MSE D 80 11.03 6.98 -19.66
CB MSE D 80 8.93 9.31 -20.34
CG MSE D 80 8.87 10.83 -20.18
SE MSE D 80 7.21 11.50 -19.44
CE MSE D 80 7.37 10.76 -17.64
N GLN D 81 9.82 6.43 -21.47
CA GLN D 81 9.96 5.00 -21.28
C GLN D 81 11.41 4.59 -21.53
N ALA D 82 12.01 5.22 -22.56
CA ALA D 82 13.39 4.96 -22.99
C ALA D 82 14.44 5.46 -22.00
N THR D 83 14.33 6.73 -21.59
CA THR D 83 15.30 7.31 -20.65
C THR D 83 14.96 7.05 -19.17
N GLY D 84 13.76 6.49 -18.92
CA GLY D 84 13.25 6.30 -17.56
C GLY D 84 12.83 7.61 -16.86
N LYS D 85 12.69 8.68 -17.63
CA LYS D 85 12.43 10.02 -17.10
C LYS D 85 11.11 10.10 -16.32
N ARG D 86 11.10 10.89 -15.26
CA ARG D 86 9.92 11.05 -14.39
C ARG D 86 9.42 12.52 -14.29
N VAL D 87 8.12 12.68 -14.44
CA VAL D 87 7.43 13.98 -14.45
C VAL D 87 6.30 13.96 -13.42
N MSE D 88 6.15 15.04 -12.66
CA MSE D 88 4.93 15.26 -11.90
C MSE D 88 4.31 16.54 -12.33
O MSE D 88 5.00 17.53 -12.47
CB MSE D 88 5.16 15.26 -10.39
CG MSE D 88 5.22 13.87 -9.83
SE MSE D 88 6.19 13.80 -8.19
CE MSE D 88 5.07 14.83 -7.03
N ALA D 89 3.01 16.54 -12.57
CA ALA D 89 2.29 17.75 -12.92
C ALA D 89 1.19 18.03 -11.88
N VAL D 90 1.33 19.18 -11.22
CA VAL D 90 0.47 19.69 -10.18
C VAL D 90 -0.46 20.73 -10.82
N PHE D 91 -1.75 20.67 -10.49
CA PHE D 91 -2.71 21.65 -11.00
C PHE D 91 -3.49 22.15 -9.83
N GLU D 92 -3.46 23.47 -9.66
CA GLU D 92 -4.21 24.15 -8.62
C GLU D 92 -4.99 25.33 -9.20
N GLY D 93 -6.07 25.71 -8.52
CA GLY D 93 -6.82 26.86 -8.95
C GLY D 93 -7.99 27.04 -8.04
N ARG D 94 -8.78 28.06 -8.32
CA ARG D 94 -10.07 28.25 -7.71
C ARG D 94 -11.01 27.13 -8.13
N ASP D 95 -12.16 27.02 -7.48
CA ASP D 95 -13.14 26.03 -7.90
C ASP D 95 -13.58 26.42 -9.31
N ALA D 96 -13.82 25.40 -10.15
CA ALA D 96 -14.28 25.56 -11.52
C ALA D 96 -13.24 26.17 -12.46
N ALA D 97 -11.98 26.23 -12.05
CA ALA D 97 -10.95 26.81 -12.91
C ALA D 97 -10.66 26.03 -14.20
N GLY D 98 -10.84 24.71 -14.15
CA GLY D 98 -10.56 23.82 -15.28
C GLY D 98 -9.27 23.05 -15.10
N LYS D 99 -8.95 22.69 -13.84
CA LYS D 99 -7.83 21.76 -13.51
C LYS D 99 -7.95 20.40 -14.18
N GLY D 100 -9.13 19.79 -14.02
CA GLY D 100 -9.46 18.49 -14.59
C GLY D 100 -9.50 18.44 -16.11
N GLY D 101 -10.04 19.49 -16.71
CA GLY D 101 -10.07 19.57 -18.18
C GLY D 101 -8.67 19.58 -18.77
N ALA D 102 -7.74 20.28 -18.10
CA ALA D 102 -6.36 20.40 -18.55
C ALA D 102 -5.60 19.10 -18.35
N ILE D 103 -5.98 18.36 -17.30
CA ILE D 103 -5.44 17.02 -17.03
C ILE D 103 -5.95 16.03 -18.08
N HIS D 104 -7.23 16.08 -18.42
CA HIS D 104 -7.78 15.21 -19.47
C HIS D 104 -7.22 15.54 -20.84
N ALA D 105 -7.08 16.81 -21.17
CA ALA D 105 -6.42 17.22 -22.43
C ALA D 105 -5.02 16.63 -22.54
N THR D 106 -4.30 16.61 -21.41
CA THR D 106 -2.95 16.04 -21.37
C THR D 106 -2.98 14.52 -21.58
N THR D 107 -3.74 13.81 -20.74
CA THR D 107 -3.74 12.35 -20.74
C THR D 107 -4.65 11.65 -21.76
N ALA D 108 -5.56 12.37 -22.44
CA ALA D 108 -6.53 11.69 -23.32
C ALA D 108 -5.92 10.66 -24.29
N ASN D 109 -4.77 10.99 -24.87
CA ASN D 109 -4.17 10.12 -25.89
C ASN D 109 -2.79 9.64 -25.47
N MSE D 110 -2.64 9.40 -24.15
CA MSE D 110 -1.41 8.88 -23.57
C MSE D 110 -1.69 7.51 -22.95
O MSE D 110 -2.84 7.20 -22.67
CB MSE D 110 -0.89 9.84 -22.49
CG MSE D 110 -0.20 11.10 -23.03
SE MSE D 110 0.57 12.22 -21.57
CE MSE D 110 2.39 11.49 -21.49
N ASN D 111 -0.66 6.70 -22.76
CA ASN D 111 -0.85 5.35 -22.17
C ASN D 111 -1.15 5.47 -20.67
N PRO D 112 -2.32 5.00 -20.24
CA PRO D 112 -2.70 5.17 -18.83
C PRO D 112 -1.89 4.28 -17.88
N ARG D 113 -1.00 3.47 -18.44
CA ARG D 113 -0.20 2.57 -17.66
C ARG D 113 1.16 3.18 -17.35
N SER D 114 1.46 4.33 -17.96
CA SER D 114 2.68 5.07 -17.64
C SER D 114 2.36 6.56 -17.31
N ALA D 115 1.15 6.98 -17.59
CA ALA D 115 0.68 8.31 -17.24
C ALA D 115 -0.56 8.11 -16.38
N ARG D 116 -0.49 8.48 -15.12
CA ARG D 116 -1.61 8.26 -14.21
C ARG D 116 -1.94 9.52 -13.43
N VAL D 117 -3.20 9.64 -13.03
CA VAL D 117 -3.69 10.81 -12.35
C VAL D 117 -3.83 10.41 -10.87
N VAL D 118 -3.47 11.31 -9.95
CA VAL D 118 -3.61 11.05 -8.51
C VAL D 118 -4.74 11.93 -7.94
N ALA D 119 -5.80 11.29 -7.46
CA ALA D 119 -6.94 11.97 -6.85
C ALA D 119 -7.18 11.39 -5.46
N LEU D 120 -6.53 12.00 -4.46
CA LEU D 120 -6.63 11.54 -3.07
C LEU D 120 -7.83 12.14 -2.34
N THR D 121 -8.50 11.30 -1.56
CA THR D 121 -9.61 11.71 -0.69
C THR D 121 -9.13 12.22 0.70
N LYS D 122 -10.05 12.73 1.52
CA LYS D 122 -9.68 13.24 2.86
C LYS D 122 -8.80 12.24 3.64
N PRO D 123 -7.84 12.74 4.44
CA PRO D 123 -6.92 11.84 5.16
C PRO D 123 -7.61 10.98 6.20
N THR D 124 -7.16 9.75 6.34
CA THR D 124 -7.66 8.89 7.41
C THR D 124 -7.09 9.35 8.76
N GLU D 125 -7.60 8.78 9.84
CA GLU D 125 -7.08 9.11 11.15
C GLU D 125 -5.55 8.95 11.15
N THR D 126 -5.08 7.82 10.60
CA THR D 126 -3.64 7.48 10.46
C THR D 126 -2.84 8.50 9.63
N GLU D 127 -3.27 8.79 8.40
CA GLU D 127 -2.64 9.81 7.54
C GLU D 127 -2.56 11.22 8.17
N ARG D 128 -3.49 11.50 9.08
CA ARG D 128 -3.55 12.78 9.78
C ARG D 128 -2.50 12.94 10.87
N GLY D 129 -2.08 11.82 11.46
CA GLY D 129 -1.05 11.83 12.49
C GLY D 129 0.36 11.70 11.93
N GLN D 130 0.46 11.68 10.60
CA GLN D 130 1.70 11.46 9.86
C GLN D 130 2.31 12.74 9.32
N TRP D 131 3.58 12.65 8.93
CA TRP D 131 4.17 13.64 8.07
C TRP D 131 3.13 14.01 7.02
N TYR D 132 2.93 15.31 6.80
CA TYR D 132 1.93 15.76 5.83
C TYR D 132 2.21 15.21 4.43
N PHE D 133 3.49 15.10 4.09
CA PHE D 133 3.91 14.73 2.74
C PHE D 133 3.96 13.23 2.49
N GLN D 134 3.75 12.44 3.55
CA GLN D 134 3.87 10.97 3.46
C GLN D 134 2.94 10.34 2.40
N ARG D 135 1.63 10.63 2.46
CA ARG D 135 0.67 10.01 1.52
C ARG D 135 0.85 10.45 0.05
N TYR D 136 1.40 11.65 -0.16
CA TYR D 136 1.76 12.13 -1.49
C TYR D 136 3.03 11.45 -2.03
N VAL D 137 3.98 11.16 -1.14
CA VAL D 137 5.21 10.47 -1.54
C VAL D 137 4.89 9.04 -1.99
N ALA D 138 3.91 8.42 -1.35
CA ALA D 138 3.40 7.08 -1.74
C ALA D 138 3.02 6.98 -3.21
N THR D 139 2.81 8.12 -3.85
CA THR D 139 2.21 8.17 -5.18
C THR D 139 3.19 8.68 -6.23
N PHE D 140 4.45 8.82 -5.82
CA PHE D 140 5.56 9.32 -6.65
C PHE D 140 5.91 8.31 -7.72
N PRO D 141 6.43 8.78 -8.86
CA PRO D 141 6.71 7.90 -9.99
C PRO D 141 7.93 6.95 -9.84
N THR D 142 7.76 5.73 -10.35
CA THR D 142 8.89 4.88 -10.71
C THR D 142 9.35 5.29 -12.11
N ALA D 143 10.41 4.66 -12.64
CA ALA D 143 10.99 5.04 -13.94
C ALA D 143 9.92 5.09 -15.01
N GLY D 144 9.96 6.12 -15.84
CA GLY D 144 9.11 6.21 -17.02
C GLY D 144 7.79 6.92 -16.80
N GLU D 145 7.42 7.16 -15.55
CA GLU D 145 6.05 7.54 -15.20
C GLU D 145 5.77 9.03 -15.15
N PHE D 146 4.56 9.38 -15.60
CA PHE D 146 4.03 10.75 -15.64
C PHE D 146 2.91 10.75 -14.62
N VAL D 147 3.03 11.52 -13.55
CA VAL D 147 1.99 11.55 -12.52
C VAL D 147 1.39 12.95 -12.47
N LEU D 148 0.09 13.04 -12.70
CA LEU D 148 -0.68 14.29 -12.67
C LEU D 148 -1.46 14.25 -11.39
N PHE D 149 -1.52 15.40 -10.72
CA PHE D 149 -2.24 15.48 -9.46
C PHE D 149 -3.54 16.24 -9.59
N ASP D 150 -4.63 15.60 -9.19
CA ASP D 150 -5.92 16.26 -9.17
C ASP D 150 -5.94 17.30 -8.07
N ARG D 151 -5.67 16.88 -6.84
CA ARG D 151 -5.45 17.81 -5.71
C ARG D 151 -4.10 17.43 -5.13
N SER D 152 -3.22 18.40 -4.93
CA SER D 152 -1.88 18.09 -4.47
C SER D 152 -1.72 18.46 -2.98
N TRP D 153 -0.46 18.49 -2.56
CA TRP D 153 -0.09 18.93 -1.23
C TRP D 153 -0.40 20.42 -1.02
N TYR D 154 -0.78 21.07 -2.11
CA TYR D 154 -1.19 22.47 -2.09
C TYR D 154 -2.62 22.74 -1.63
N ASN D 155 -3.46 21.73 -1.52
CA ASN D 155 -4.68 21.87 -0.71
C ASN D 155 -4.42 22.54 0.66
N ARG D 156 -3.24 22.34 1.26
CA ARG D 156 -2.85 23.00 2.53
C ARG D 156 -2.38 24.45 2.35
N ALA D 157 -2.17 24.85 1.08
CA ALA D 157 -1.87 26.25 0.75
C ALA D 157 -3.08 26.91 0.07
N GLY D 158 -4.19 26.18 0.03
CA GLY D 158 -5.44 26.66 -0.54
C GLY D 158 -6.64 26.47 0.36
N VAL D 159 -7.38 25.38 0.09
CA VAL D 159 -8.64 25.04 0.77
C VAL D 159 -8.49 24.88 2.30
N GLU D 160 -7.38 24.27 2.73
CA GLU D 160 -7.19 23.88 4.13
C GLU D 160 -7.11 25.04 5.13
N PRO D 161 -6.30 26.10 4.85
CA PRO D 161 -6.34 27.28 5.76
C PRO D 161 -7.59 28.18 5.58
N VAL D 162 -8.01 28.41 4.33
CA VAL D 162 -9.23 29.18 4.03
C VAL D 162 -10.46 28.57 4.71
N MSE D 163 -10.57 27.25 4.65
CA MSE D 163 -11.73 26.52 5.18
C MSE D 163 -11.52 26.00 6.60
O MSE D 163 -12.38 25.32 7.16
CB MSE D 163 -12.10 25.38 4.21
CG MSE D 163 -13.51 25.47 3.65
SE MSE D 163 -13.76 27.12 2.62
CE MSE D 163 -13.85 26.36 0.81
N GLY D 164 -10.37 26.32 7.18
CA GLY D 164 -10.03 25.97 8.57
C GLY D 164 -9.77 24.48 8.83
N PHE D 165 -9.48 23.72 7.77
CA PHE D 165 -9.20 22.27 7.86
C PHE D 165 -7.79 21.93 8.36
N CYS D 166 -6.89 22.90 8.23
CA CYS D 166 -5.56 22.88 8.86
C CYS D 166 -5.40 24.15 9.72
N THR D 167 -4.54 24.08 10.74
CA THR D 167 -4.28 25.25 11.60
C THR D 167 -3.39 26.28 10.87
N PRO D 168 -3.51 27.59 11.20
CA PRO D 168 -2.60 28.61 10.64
C PRO D 168 -1.12 28.29 10.89
N ASP D 169 -0.86 27.56 11.98
CA ASP D 169 0.43 26.94 12.25
C ASP D 169 0.80 25.80 11.28
N GLN D 170 -0.15 24.92 11.00
CA GLN D 170 0.02 23.91 9.96
C GLN D 170 0.16 24.52 8.56
N TYR D 171 -0.60 25.59 8.30
CA TYR D 171 -0.51 26.30 7.03
C TYR D 171 0.84 26.99 6.86
N GLU D 172 1.31 27.66 7.90
CA GLU D 172 2.58 28.37 7.87
C GLU D 172 3.76 27.41 7.85
N GLN D 173 3.54 26.21 8.40
CA GLN D 173 4.52 25.11 8.35
C GLN D 173 4.63 24.54 6.93
N PHE D 174 3.48 24.34 6.28
CA PHE D 174 3.45 23.86 4.88
C PHE D 174 4.16 24.83 3.94
N LEU D 175 3.87 26.12 4.11
CA LEU D 175 4.44 27.15 3.24
C LEU D 175 5.97 27.15 3.34
N LYS D 176 6.47 26.87 4.55
CA LYS D 176 7.90 26.82 4.79
C LYS D 176 8.51 25.50 4.32
N GLU D 177 7.75 24.39 4.47
CA GLU D 177 8.26 23.05 4.13
C GLU D 177 8.15 22.62 2.66
N ALA D 178 7.19 23.16 1.91
CA ALA D 178 6.96 22.74 0.51
C ALA D 178 8.08 23.08 -0.47
N PRO D 179 8.79 24.21 -0.29
CA PRO D 179 9.97 24.38 -1.16
C PRO D 179 11.13 23.39 -0.87
N ARG D 180 11.34 23.04 0.40
CA ARG D 180 12.29 21.97 0.77
C ARG D 180 11.92 20.63 0.16
N PHE D 181 10.62 20.30 0.20
CA PHE D 181 10.07 19.10 -0.44
C PHE D 181 10.36 19.10 -1.94
N GLU D 182 10.05 20.22 -2.58
CA GLU D 182 10.24 20.37 -4.01
C GLU D 182 11.72 20.40 -4.41
N GLU D 183 12.57 20.89 -3.50
CA GLU D 183 14.02 20.80 -3.68
C GLU D 183 14.49 19.34 -3.80
N MSE D 184 14.07 18.48 -2.87
CA MSE D 184 14.40 17.06 -2.94
C MSE D 184 13.82 16.35 -4.17
O MSE D 184 14.47 15.43 -4.70
CB MSE D 184 13.96 16.29 -1.67
CG MSE D 184 14.52 16.82 -0.34
SE MSE D 184 14.34 15.56 1.17
CE MSE D 184 15.73 14.30 0.62
N ILE D 185 12.62 16.75 -4.60
CA ILE D 185 12.00 16.22 -5.81
C ILE D 185 12.91 16.54 -7.00
N ALA D 186 13.22 17.84 -7.16
CA ALA D 186 14.15 18.32 -8.20
C ALA D 186 15.54 17.66 -8.09
N ASN D 187 16.11 17.59 -6.88
CA ASN D 187 17.41 16.93 -6.68
C ASN D 187 17.50 15.51 -7.21
N GLU D 188 16.36 14.80 -7.10
CA GLU D 188 16.18 13.44 -7.58
C GLU D 188 16.05 13.38 -9.11
N GLY D 189 15.68 14.49 -9.73
CA GLY D 189 15.53 14.54 -11.19
C GLY D 189 14.13 14.25 -11.69
N ILE D 190 13.17 14.16 -10.78
CA ILE D 190 11.75 14.17 -11.14
C ILE D 190 11.39 15.62 -11.48
N HIS D 191 10.89 15.81 -12.71
CA HIS D 191 10.56 17.14 -13.22
C HIS D 191 9.20 17.57 -12.71
N LEU D 192 9.16 18.60 -11.87
CA LEU D 192 7.91 19.06 -11.29
C LEU D 192 7.33 20.31 -11.93
N PHE D 193 6.18 20.12 -12.56
CA PHE D 193 5.36 21.20 -13.12
C PHE D 193 4.26 21.59 -12.16
N LYS D 194 4.17 22.90 -11.90
CA LYS D 194 3.05 23.43 -11.14
C LYS D 194 2.33 24.49 -11.96
N PHE D 195 1.02 24.27 -12.18
CA PHE D 195 0.15 25.27 -12.82
C PHE D 195 -0.91 25.80 -11.84
N TRP D 196 -0.97 27.15 -11.76
CA TRP D 196 -2.12 27.84 -11.18
C TRP D 196 -3.05 28.28 -12.30
N ILE D 197 -4.29 27.76 -12.29
CA ILE D 197 -5.31 28.15 -13.28
C ILE D 197 -6.20 29.29 -12.74
N ASN D 198 -5.98 30.47 -13.28
CA ASN D 198 -6.69 31.66 -12.86
C ASN D 198 -8.02 31.71 -13.57
N ILE D 199 -9.08 32.07 -12.85
CA ILE D 199 -10.30 32.56 -13.49
C ILE D 199 -10.78 33.86 -12.84
N GLY D 200 -11.44 34.71 -13.63
CA GLY D 200 -12.12 35.87 -13.12
C GLY D 200 -13.34 35.51 -12.30
N ARG D 201 -13.72 36.40 -11.39
CA ARG D 201 -14.86 36.16 -10.52
C ARG D 201 -16.16 35.81 -11.23
N GLU D 202 -16.51 36.57 -12.27
CA GLU D 202 -17.74 36.39 -13.00
C GLU D 202 -17.73 35.08 -13.79
N MSE D 203 -16.56 34.73 -14.34
CA MSE D 203 -16.36 33.41 -14.97
C MSE D 203 -16.67 32.25 -14.01
O MSE D 203 -17.34 31.29 -14.40
CB MSE D 203 -14.97 33.27 -15.61
CG MSE D 203 -14.80 31.96 -16.41
SE MSE D 203 -16.17 31.68 -17.80
CE MSE D 203 -17.41 30.53 -16.97
N GLN D 204 -16.18 32.32 -12.76
CA GLN D 204 -16.53 31.32 -11.75
C GLN D 204 -18.03 31.19 -11.54
N LEU D 205 -18.70 32.32 -11.41
CA LEU D 205 -20.14 32.32 -11.20
C LEU D 205 -20.84 31.62 -12.38
N LYS D 206 -20.45 31.95 -13.61
CA LYS D 206 -21.05 31.34 -14.80
C LYS D 206 -20.86 29.85 -14.77
N ARG D 207 -19.63 29.43 -14.52
CA ARG D 207 -19.29 28.01 -14.48
C ARG D 207 -20.09 27.24 -13.41
N PHE D 208 -20.18 27.81 -12.21
CA PHE D 208 -21.07 27.32 -11.16
C PHE D 208 -22.54 27.17 -11.64
N HIS D 209 -23.02 28.21 -12.30
CA HIS D 209 -24.38 28.22 -12.82
C HIS D 209 -24.52 27.20 -13.99
N ASP D 210 -23.52 27.15 -14.88
CA ASP D 210 -23.39 26.09 -15.87
C ASP D 210 -23.58 24.70 -15.22
N ARG D 211 -22.77 24.43 -14.19
CA ARG D 211 -22.87 23.17 -13.45
C ARG D 211 -24.25 22.94 -12.84
N ARG D 212 -24.79 23.90 -12.08
CA ARG D 212 -26.16 23.77 -11.56
C ARG D 212 -27.24 23.33 -12.60
N HIS D 213 -27.21 23.91 -13.79
CA HIS D 213 -28.32 23.75 -14.73
C HIS D 213 -28.10 22.76 -15.89
N ASP D 214 -27.01 22.00 -15.80
CA ASP D 214 -26.67 20.90 -16.72
C ASP D 214 -26.58 19.62 -15.88
N PRO D 215 -27.45 18.63 -16.14
CA PRO D 215 -27.46 17.37 -15.38
C PRO D 215 -26.25 16.43 -15.56
N LEU D 216 -25.40 16.67 -16.55
CA LEU D 216 -24.14 15.92 -16.65
C LEU D 216 -23.05 16.50 -15.74
N LYS D 217 -23.33 17.69 -15.18
CA LYS D 217 -22.34 18.49 -14.46
C LYS D 217 -22.72 18.85 -13.00
N ILE D 218 -23.96 18.60 -12.62
CA ILE D 218 -24.53 19.00 -11.34
C ILE D 218 -23.81 18.37 -10.13
N TRP D 219 -23.31 17.14 -10.26
CA TRP D 219 -22.56 16.50 -9.16
C TRP D 219 -21.26 17.24 -8.83
N LYS D 220 -20.80 18.13 -9.71
CA LYS D 220 -19.52 18.81 -9.50
C LYS D 220 -19.66 19.95 -8.47
N LEU D 221 -20.89 20.16 -7.99
CA LEU D 221 -21.17 21.19 -6.98
C LEU D 221 -21.34 20.63 -5.58
N SER D 222 -21.07 21.49 -4.59
CA SER D 222 -21.37 21.24 -3.18
C SER D 222 -22.00 22.51 -2.67
N PRO D 223 -22.83 22.42 -1.59
CA PRO D 223 -23.30 23.63 -0.91
C PRO D 223 -22.14 24.43 -0.29
N MSE D 224 -21.02 23.75 -0.03
CA MSE D 224 -19.76 24.35 0.42
C MSE D 224 -19.12 25.30 -0.62
O MSE D 224 -18.68 26.39 -0.28
CB MSE D 224 -18.75 23.26 0.85
CG MSE D 224 -17.34 23.37 0.25
SE MSE D 224 -15.90 22.47 1.26
CE MSE D 224 -15.13 21.42 -0.24
N ASP D 225 -19.09 24.86 -1.88
CA ASP D 225 -18.52 25.66 -2.98
C ASP D 225 -19.33 26.92 -3.18
N ILE D 226 -20.65 26.78 -3.00
CA ILE D 226 -21.61 27.87 -3.11
C ILE D 226 -21.51 28.83 -1.91
N ALA D 227 -21.31 28.28 -0.72
CA ALA D 227 -21.05 29.10 0.48
C ALA D 227 -19.73 29.87 0.33
N ALA D 228 -18.70 29.17 -0.12
CA ALA D 228 -17.37 29.74 -0.38
C ALA D 228 -17.27 30.70 -1.58
N LEU D 229 -18.41 31.19 -2.06
CA LEU D 229 -18.45 32.27 -3.07
C LEU D 229 -18.21 33.63 -2.41
N SER D 230 -18.74 33.77 -1.20
CA SER D 230 -18.50 34.96 -0.37
C SER D 230 -17.04 35.07 0.08
N LYS D 231 -16.34 33.94 0.07
CA LYS D 231 -14.94 33.84 0.49
C LYS D 231 -13.92 34.15 -0.63
N TRP D 232 -14.38 34.81 -1.70
CA TRP D 232 -13.53 35.09 -2.87
C TRP D 232 -12.25 35.85 -2.52
N ASP D 233 -12.36 36.96 -1.79
CA ASP D 233 -11.20 37.82 -1.49
C ASP D 233 -10.21 37.18 -0.54
N ASP D 234 -10.74 36.43 0.42
CA ASP D 234 -9.95 35.62 1.33
C ASP D 234 -9.13 34.56 0.55
N TYR D 235 -9.75 33.95 -0.46
CA TYR D 235 -9.09 33.03 -1.39
C TYR D 235 -8.06 33.72 -2.27
N THR D 236 -8.35 34.95 -2.68
CA THR D 236 -7.39 35.80 -3.41
C THR D 236 -6.13 35.99 -2.56
N GLY D 237 -6.34 36.34 -1.29
CA GLY D 237 -5.27 36.45 -0.31
C GLY D 237 -4.35 35.26 -0.20
N LYS D 238 -4.94 34.06 -0.01
CA LYS D 238 -4.17 32.80 0.11
C LYS D 238 -3.46 32.35 -1.17
N ARG D 239 -4.01 32.78 -2.32
CA ARG D 239 -3.42 32.48 -3.62
C ARG D 239 -2.06 33.17 -3.71
N ASP D 240 -2.09 34.53 -3.61
CA ASP D 240 -0.90 35.37 -3.71
C ASP D 240 0.19 34.99 -2.69
N ARG D 241 -0.30 34.77 -1.40
CA ARG D 241 0.60 34.27 -0.34
C ARG D 241 1.36 33.03 -0.83
N MSE D 242 0.60 32.04 -1.32
CA MSE D 242 1.18 30.76 -1.74
C MSE D 242 2.09 30.91 -2.95
O MSE D 242 3.22 30.37 -2.95
CB MSE D 242 0.06 29.74 -2.06
CG MSE D 242 0.57 28.49 -2.77
SE MSE D 242 -0.48 27.94 -4.32
CE MSE D 242 -1.95 26.97 -3.43
N LEU D 243 1.61 31.65 -3.99
CA LEU D 243 2.43 31.80 -5.20
C LEU D 243 3.73 32.55 -4.89
N LYS D 244 3.69 33.42 -3.88
CA LYS D 244 4.83 34.23 -3.42
C LYS D 244 5.90 33.35 -2.74
N GLU D 245 5.38 32.65 -1.59
CA GLU D 245 6.26 31.83 -0.74
C GLU D 245 6.84 30.62 -1.46
N THR D 246 6.02 30.01 -2.32
CA THR D 246 6.32 28.67 -2.84
C THR D 246 6.73 28.63 -4.32
N HIS D 247 6.85 29.81 -4.94
CA HIS D 247 7.46 29.92 -6.25
C HIS D 247 8.97 30.03 -6.06
N THR D 248 9.66 28.91 -6.25
CA THR D 248 11.11 28.86 -6.09
C THR D 248 11.76 28.44 -7.41
N GLU D 249 13.08 28.34 -7.43
CA GLU D 249 13.80 28.00 -8.66
C GLU D 249 13.65 26.54 -9.04
N HIS D 250 13.69 25.65 -8.05
CA HIS D 250 13.57 24.21 -8.29
C HIS D 250 12.11 23.80 -8.47
N GLY D 251 11.19 24.57 -7.88
CA GLY D 251 9.74 24.44 -8.11
C GLY D 251 9.03 25.73 -8.51
N PRO D 252 9.19 26.16 -9.77
CA PRO D 252 8.47 27.34 -10.26
C PRO D 252 6.94 27.16 -10.46
N TRP D 253 6.18 28.22 -10.19
CA TRP D 253 4.75 28.25 -10.50
C TRP D 253 4.50 28.80 -11.89
N ALA D 254 3.74 28.06 -12.68
CA ALA D 254 3.21 28.57 -13.94
C ALA D 254 1.81 29.03 -13.59
N VAL D 255 1.46 30.25 -14.02
CA VAL D 255 0.11 30.79 -13.83
C VAL D 255 -0.58 30.94 -15.18
N ILE D 256 -1.78 30.37 -15.28
CA ILE D 256 -2.56 30.37 -16.52
C ILE D 256 -3.83 31.23 -16.34
N ARG D 257 -4.15 32.02 -17.35
CA ARG D 257 -5.46 32.68 -17.39
C ARG D 257 -6.44 31.68 -18.02
N GLY D 258 -7.36 31.15 -17.19
CA GLY D 258 -8.21 30.06 -17.62
C GLY D 258 -9.62 30.36 -18.09
N ASN D 259 -9.99 31.62 -18.22
CA ASN D 259 -11.34 31.96 -18.70
C ASN D 259 -11.78 31.18 -19.95
N ASP D 260 -10.87 31.05 -20.91
CA ASP D 260 -11.07 30.19 -22.07
C ASP D 260 -10.33 28.84 -21.84
N LYS D 261 -11.13 27.79 -21.62
CA LYS D 261 -10.62 26.47 -21.27
C LYS D 261 -9.74 25.89 -22.37
N ARG D 262 -10.04 26.24 -23.61
CA ARG D 262 -9.32 25.77 -24.77
C ARG D 262 -7.90 26.33 -24.84
N ARG D 263 -7.77 27.65 -24.69
CA ARG D 263 -6.46 28.30 -24.63
C ARG D 263 -5.68 27.95 -23.36
N SER D 264 -6.42 27.67 -22.30
CA SER D 264 -5.86 27.23 -21.04
C SER D 264 -5.14 25.87 -21.23
N ARG D 265 -5.84 24.90 -21.81
CA ARG D 265 -5.33 23.55 -22.05
C ARG D 265 -4.15 23.52 -22.99
N ILE D 266 -4.29 24.15 -24.14
CA ILE D 266 -3.20 24.29 -25.12
C ILE D 266 -1.88 24.85 -24.54
N ASN D 267 -1.98 25.90 -23.72
CA ASN D 267 -0.77 26.50 -23.13
C ASN D 267 -0.16 25.75 -21.94
N VAL D 268 -0.99 25.07 -21.17
CA VAL D 268 -0.51 24.15 -20.14
C VAL D 268 0.45 23.13 -20.81
N ILE D 269 -0.03 22.52 -21.90
CA ILE D 269 0.73 21.50 -22.64
C ILE D 269 1.94 22.13 -23.35
N ARG D 270 1.74 23.29 -23.96
CA ARG D 270 2.84 24.00 -24.59
C ARG D 270 3.98 24.25 -23.62
N HIS D 271 3.65 24.72 -22.42
CA HIS D 271 4.63 24.99 -21.37
C HIS D 271 5.45 23.74 -21.05
N MSE D 272 4.76 22.61 -20.84
CA MSE D 272 5.37 21.32 -20.54
C MSE D 272 6.23 20.78 -21.67
O MSE D 272 7.34 20.36 -21.43
CB MSE D 272 4.33 20.29 -20.14
CG MSE D 272 3.82 20.50 -18.73
SE MSE D 272 2.58 19.11 -18.14
CE MSE D 272 1.24 19.27 -19.55
N LEU D 273 5.74 20.82 -22.89
CA LEU D 273 6.55 20.34 -24.00
C LEU D 273 7.83 21.15 -24.20
N THR D 274 7.73 22.46 -23.96
CA THR D 274 8.84 23.41 -24.16
C THR D 274 9.96 23.09 -23.17
N LYS D 275 9.58 22.67 -21.96
CA LYS D 275 10.52 22.51 -20.87
C LYS D 275 11.11 21.10 -20.83
N LEU D 276 10.53 20.20 -21.62
CA LEU D 276 10.98 18.81 -21.68
C LEU D 276 11.88 18.66 -22.89
N ASP D 277 13.08 18.13 -22.66
CA ASP D 277 14.12 17.99 -23.69
C ASP D 277 14.08 16.59 -24.29
N TYR D 278 12.95 16.28 -24.93
CA TYR D 278 12.67 14.93 -25.43
C TYR D 278 13.08 14.70 -26.89
N ASP D 279 13.29 13.42 -27.23
CA ASP D 279 13.67 13.05 -28.59
C ASP D 279 12.52 13.21 -29.57
N GLY D 280 12.83 13.63 -30.79
CA GLY D 280 11.83 13.78 -31.85
C GLY D 280 11.06 15.09 -31.76
N LYS D 281 11.36 15.89 -30.74
CA LYS D 281 10.72 17.19 -30.51
C LYS D 281 10.67 18.07 -31.74
N ASP D 282 9.52 18.66 -32.00
CA ASP D 282 9.29 19.54 -33.15
C ASP D 282 8.76 20.86 -32.59
N GLU D 283 9.60 21.90 -32.65
CA GLU D 283 9.20 23.23 -32.15
C GLU D 283 8.05 23.84 -32.95
N ALA D 284 8.03 23.58 -34.26
CA ALA D 284 6.97 24.11 -35.13
C ALA D 284 5.60 23.55 -34.72
N ALA D 285 5.58 22.32 -34.22
CA ALA D 285 4.34 21.66 -33.80
C ALA D 285 3.86 22.16 -32.43
N ILE D 286 4.79 22.52 -31.55
CA ILE D 286 4.44 23.11 -30.26
C ILE D 286 3.90 24.51 -30.47
N GLY D 287 4.51 25.23 -31.42
CA GLY D 287 4.20 26.63 -31.64
C GLY D 287 4.75 27.45 -30.49
N GLU D 288 4.03 28.51 -30.13
CA GLU D 288 4.50 29.43 -29.10
C GLU D 288 3.54 29.56 -27.93
N VAL D 289 4.12 29.61 -26.74
CA VAL D 289 3.36 29.80 -25.52
C VAL D 289 2.86 31.25 -25.51
N ASP D 290 1.58 31.39 -25.21
CA ASP D 290 0.93 32.68 -25.28
C ASP D 290 1.19 33.41 -23.99
N GLU D 291 2.11 34.36 -24.04
CA GLU D 291 2.54 35.13 -22.88
C GLU D 291 1.41 35.91 -22.18
N LYS D 292 0.30 36.09 -22.90
CA LYS D 292 -0.89 36.75 -22.37
C LYS D 292 -1.76 35.79 -21.56
N ILE D 293 -1.58 34.48 -21.82
CA ILE D 293 -2.30 33.39 -21.11
C ILE D 293 -1.41 32.74 -20.04
N LEU D 294 -0.13 32.55 -20.34
CA LEU D 294 0.78 31.89 -19.41
C LEU D 294 1.86 32.82 -18.85
N GLY D 295 1.82 33.04 -17.55
CA GLY D 295 2.85 33.82 -16.85
C GLY D 295 3.60 33.02 -15.80
N SER D 296 4.70 33.57 -15.33
CA SER D 296 5.56 32.91 -14.34
C SER D 296 5.40 33.54 -12.96
N GLY D 297 5.26 32.69 -11.94
CA GLY D 297 5.17 33.10 -10.53
C GLY D 297 4.14 34.15 -10.21
N PRO D 298 4.37 34.93 -9.13
CA PRO D 298 3.53 36.10 -8.84
C PRO D 298 3.95 37.33 -9.66
N GLY D 299 3.11 38.36 -9.70
CA GLY D 299 3.37 39.55 -10.53
C GLY D 299 2.91 39.35 -11.96
N PHE D 300 1.91 38.50 -12.13
CA PHE D 300 1.28 38.25 -13.43
C PHE D 300 -0.21 38.54 -13.26
N LEU D 301 -0.79 37.93 -12.23
CA LEU D 301 -2.12 38.27 -11.73
C LEU D 301 -2.04 39.49 -10.80
C1 GOL E . -1.91 -12.72 24.92
C1 GOL E . 0.40 -12.22 24.58
O1 GOL E . -2.67 -13.73 24.30
O1 GOL E . 0.95 -13.46 24.98
C2 GOL E . -0.84 -12.21 23.95
C2 GOL E . -0.90 -11.89 25.34
O2 GOL E . -1.41 -11.78 22.72
O2 GOL E . -1.61 -10.83 24.75
C3 GOL E . -0.05 -11.06 24.60
C3 GOL E . -1.80 -13.12 25.39
O3 GOL E . 1.31 -11.39 24.81
O3 GOL E . -1.28 -13.94 26.40
C FMT F . 10.84 15.73 22.35
O1 FMT F . 11.64 15.25 21.52
O2 FMT F . 10.75 15.39 23.54
C FMT G . -12.55 22.46 -12.11
O1 FMT G . -13.18 21.72 -11.35
O2 FMT G . -11.36 22.77 -11.96
#